data_4MR7
#
_entry.id   4MR7
#
_cell.length_a   69.670
_cell.length_b   113.210
_cell.length_c   73.460
_cell.angle_alpha   90.000
_cell.angle_beta   97.110
_cell.angle_gamma   90.000
#
_symmetry.space_group_name_H-M   'P 1 21 1'
#
loop_
_entity.id
_entity.type
_entity.pdbx_description
1 polymer 'Gamma-aminobutyric acid type B receptor subunit 1'
2 polymer 'Gamma-aminobutyric acid type B receptor subunit 2'
3 branched alpha-D-mannopyranose-(1-3)-[alpha-D-mannopyranose-(1-6)]alpha-D-mannopyranose-(1-4)-2-acetamido-2-deoxy-beta-D-glucopyranose-(1-4)-[alpha-L-fucopyranose-(1-6)]2-acetamido-2-deoxy-beta-D-glucopyranose
4 branched alpha-D-mannopyranose-(1-4)-2-acetamido-2-deoxy-beta-D-glucopyranose-(1-4)-[alpha-L-fucopyranose-(1-6)]2-acetamido-2-deoxy-beta-D-glucopyranose
5 non-polymer '(R)-(cyclohexylmethyl)[(2S)-3-{[(1S)-1-(3,4-dichlorophenyl)ethyl]amino}-2-hydroxypropyl]phosphinic acid'
6 non-polymer 2-acetamido-2-deoxy-beta-D-glucopyranose
7 water water
#
loop_
_entity_poly.entity_id
_entity_poly.type
_entity_poly.pdbx_seq_one_letter_code
_entity_poly.pdbx_strand_id
1 'polypeptide(L)'
;SERRAVYIGALFPMSGGWPGGQACQPAVEMALEDVNSRRDILPDYELKLIHHDSKCDPGQATKYLYELLYNDPIKIILMP
GCSSVSTLVAEAARMWNLIVLSYGSSSPALSNRQRFPTFFRTHPSATLHNPTRVKLFEKWGWKKIATIQQTTEVFTSTLD
DLEERVKEAGIEITFRQSFFSDPAVPVKNLKRQDARIIVGLFYETEARKVFCEVYKERLFGKKYVWFLIGWYADNWFKIY
DPSINCTVDEMTEAVEGHITTEIVMLNPANTRSISNMTSQEFVEKLTKRLKRHPEETGGFQEAPLAYDAIWALALALNKT
SGGGGRSGVRLEDFNYNNQTITDQIYRAMNSSSFEGVSGHVVFDASGSRMAWTLIEQLQGGSYKKIGYYDSTKDDLSWSK
TDKWIGGSPPADDYKDDDDK
;
A
2 'polypeptide(L)'
;WARGAPRPPPSSPPLSIMGLMPLTKEVAKGSIGRGVLPAVELAIEQIRNESLLRPYFLDLRLYDTECDNAKGLKAFYDAI
KYGPNHLMVFGGVCPSVTSIIAESLQGWNLVQLSFAATTPVLADKKKYPYFFRTVPSDNAVNPAILKLLKHYQWKRVGTL
TQDVQRFSEVRNDLTGVLYGEDIEISDTESFSNDPCTSVKKLKGNDVRIILGQFDQNMAAKVFCCAYEENMYGSKYQWII
PGWYEPSWWEQVHTEANSSRCLRKNLLAAMEGYIGVDFEPLSSKQIKTISGKTPQQYEREYNNKRSGVGPSKFHGYAYDG
IWVIAKTLQRAMETLHASSRHQRIQDFNYTDHTLGRIILNAMNETNFFGVTGQVVFRNGERMGTIKFTQFQDSREVKVGE
YNAVADTLEIINDTIRFQGSEPPKDDYKDDDDK
;
B
#
loop_
_chem_comp.id
_chem_comp.type
_chem_comp.name
_chem_comp.formula
2BV non-polymer '(R)-(cyclohexylmethyl)[(2S)-3-{[(1S)-1-(3,4-dichlorophenyl)ethyl]amino}-2-hydroxypropyl]phosphinic acid' 'C18 H28 Cl2 N O3 P'
FUC L-saccharide, alpha linking alpha-L-fucopyranose 'C6 H12 O5'
MAN D-saccharide, alpha linking alpha-D-mannopyranose 'C6 H12 O6'
NAG D-saccharide, beta linking 2-acetamido-2-deoxy-beta-D-glucopyranose 'C8 H15 N O6'
#
# COMPACT_ATOMS: atom_id res chain seq x y z
N SER A 1 13.48 -46.70 -8.66
CA SER A 1 14.93 -46.82 -8.38
C SER A 1 15.55 -45.44 -8.28
N GLU A 2 14.94 -44.48 -8.96
CA GLU A 2 15.40 -43.11 -9.07
C GLU A 2 14.50 -42.07 -8.33
N ARG A 3 15.09 -41.31 -7.37
CA ARG A 3 14.37 -40.24 -6.62
C ARG A 3 14.25 -39.01 -7.53
N ARG A 4 13.02 -38.57 -7.80
CA ARG A 4 12.73 -37.41 -8.65
C ARG A 4 12.87 -36.10 -7.85
N ALA A 5 13.65 -35.14 -8.37
CA ALA A 5 13.80 -33.81 -7.74
C ALA A 5 12.48 -33.00 -7.85
N VAL A 6 12.06 -32.41 -6.73
CA VAL A 6 10.87 -31.55 -6.61
C VAL A 6 11.40 -30.22 -6.02
N TYR A 7 11.01 -29.06 -6.60
CA TYR A 7 11.62 -27.77 -6.24
C TYR A 7 10.74 -26.73 -5.58
N ILE A 8 11.31 -26.07 -4.55
CA ILE A 8 10.75 -24.93 -3.81
C ILE A 8 11.43 -23.66 -4.35
N GLY A 9 10.63 -22.65 -4.71
CA GLY A 9 11.09 -21.34 -5.12
C GLY A 9 10.99 -20.44 -3.89
N ALA A 10 12.11 -20.09 -3.27
CA ALA A 10 12.04 -19.32 -2.04
C ALA A 10 12.64 -17.96 -2.22
N LEU A 11 12.17 -17.02 -1.39
CA LEU A 11 12.71 -15.66 -1.33
C LEU A 11 13.14 -15.43 0.12
N PHE A 12 14.38 -14.97 0.32
CA PHE A 12 14.93 -14.75 1.67
C PHE A 12 15.33 -13.32 1.85
N PRO A 13 14.83 -12.58 2.85
CA PRO A 13 15.29 -11.19 2.98
C PRO A 13 16.67 -11.13 3.69
N MET A 14 17.78 -11.01 2.94
CA MET A 14 19.12 -10.93 3.54
C MET A 14 19.46 -9.56 4.10
N SER A 15 18.67 -8.54 3.73
CA SER A 15 18.76 -7.14 4.20
C SER A 15 17.32 -6.50 4.18
N GLY A 16 17.22 -5.21 4.53
CA GLY A 16 15.96 -4.47 4.55
C GLY A 16 15.31 -4.42 5.91
N GLY A 17 14.01 -4.08 5.95
CA GLY A 17 13.19 -3.94 7.16
C GLY A 17 13.27 -5.09 8.14
N TRP A 18 13.12 -6.33 7.65
CA TRP A 18 13.27 -7.53 8.50
C TRP A 18 14.24 -8.45 7.75
N PRO A 19 15.55 -8.40 8.11
CA PRO A 19 16.55 -9.23 7.38
C PRO A 19 16.57 -10.67 7.89
N GLY A 20 15.37 -11.25 7.97
CA GLY A 20 15.10 -12.58 8.49
C GLY A 20 15.71 -13.76 7.79
N GLY A 21 16.02 -13.60 6.50
CA GLY A 21 16.66 -14.63 5.68
C GLY A 21 18.03 -15.04 6.18
N GLN A 22 18.71 -14.16 6.98
CA GLN A 22 20.04 -14.43 7.53
C GLN A 22 20.11 -15.72 8.34
N ALA A 23 19.06 -16.02 9.13
CA ALA A 23 18.95 -17.26 9.92
C ALA A 23 17.95 -18.24 9.30
N CYS A 24 16.96 -17.73 8.50
CA CYS A 24 15.93 -18.59 7.91
C CYS A 24 16.41 -19.36 6.69
N GLN A 25 17.37 -18.84 5.92
CA GLN A 25 17.90 -19.63 4.81
C GLN A 25 18.69 -20.88 5.37
N PRO A 26 19.68 -20.75 6.29
CA PRO A 26 20.31 -21.98 6.85
C PRO A 26 19.33 -22.91 7.60
N ALA A 27 18.30 -22.37 8.31
CA ALA A 27 17.24 -23.16 8.98
C ALA A 27 16.46 -24.01 7.95
N VAL A 28 16.15 -23.41 6.77
CA VAL A 28 15.49 -24.07 5.65
C VAL A 28 16.40 -25.18 5.09
N GLU A 29 17.68 -24.86 4.85
CA GLU A 29 18.69 -25.80 4.31
C GLU A 29 18.87 -27.00 5.24
N MET A 30 18.88 -26.74 6.57
CA MET A 30 18.98 -27.77 7.59
C MET A 30 17.75 -28.69 7.52
N ALA A 31 16.54 -28.11 7.37
CA ALA A 31 15.31 -28.90 7.30
C ALA A 31 15.21 -29.73 6.03
N LEU A 32 15.79 -29.27 4.92
CA LEU A 32 15.79 -30.01 3.66
C LEU A 32 16.71 -31.23 3.76
N GLU A 33 17.87 -31.08 4.43
CA GLU A 33 18.80 -32.20 4.68
C GLU A 33 18.11 -33.22 5.59
N ASP A 34 17.40 -32.75 6.64
CA ASP A 34 16.71 -33.61 7.59
C ASP A 34 15.55 -34.37 6.99
N VAL A 35 14.80 -33.74 6.06
CA VAL A 35 13.63 -34.34 5.40
C VAL A 35 14.09 -35.35 4.35
N ASN A 36 15.12 -34.98 3.57
CA ASN A 36 15.65 -35.81 2.50
C ASN A 36 16.36 -37.09 3.05
N SER A 37 16.99 -37.01 4.24
CA SER A 37 17.66 -38.17 4.87
C SER A 37 16.68 -39.15 5.53
N ARG A 38 15.41 -38.71 5.75
CA ARG A 38 14.33 -39.52 6.30
C ARG A 38 13.66 -40.24 5.16
N ARG A 39 13.74 -41.59 5.15
CA ARG A 39 13.16 -42.43 4.10
C ARG A 39 11.67 -42.66 4.28
N ASP A 40 11.13 -42.40 5.48
CA ASP A 40 9.70 -42.55 5.75
C ASP A 40 8.89 -41.28 5.33
N ILE A 41 9.57 -40.18 4.94
CA ILE A 41 8.88 -38.94 4.53
C ILE A 41 8.58 -38.97 3.05
N LEU A 42 9.52 -38.63 2.18
CA LEU A 42 9.23 -38.62 0.74
C LEU A 42 10.25 -39.55 0.06
N PRO A 43 10.08 -40.90 0.16
CA PRO A 43 11.11 -41.82 -0.38
C PRO A 43 11.38 -41.73 -1.87
N ASP A 44 10.33 -41.46 -2.65
CA ASP A 44 10.35 -41.36 -4.12
C ASP A 44 10.79 -39.95 -4.61
N TYR A 45 10.96 -38.99 -3.68
CA TYR A 45 11.30 -37.62 -4.05
C TYR A 45 12.44 -37.03 -3.26
N GLU A 46 13.12 -36.05 -3.89
CA GLU A 46 14.17 -35.26 -3.29
C GLU A 46 13.78 -33.76 -3.38
N LEU A 47 13.48 -33.14 -2.24
CA LEU A 47 13.10 -31.75 -2.14
C LEU A 47 14.33 -30.86 -2.28
N LYS A 48 14.33 -30.02 -3.32
CA LYS A 48 15.46 -29.12 -3.60
C LYS A 48 15.02 -27.63 -3.51
N LEU A 49 15.98 -26.74 -3.23
CA LEU A 49 15.78 -25.33 -3.03
C LEU A 49 16.44 -24.45 -4.09
N ILE A 50 15.64 -23.56 -4.69
CA ILE A 50 16.11 -22.50 -5.59
C ILE A 50 15.64 -21.22 -4.91
N HIS A 51 16.59 -20.31 -4.63
CA HIS A 51 16.33 -19.15 -3.84
C HIS A 51 17.02 -17.88 -4.32
N HIS A 52 16.47 -16.74 -3.91
CA HIS A 52 17.01 -15.41 -4.22
C HIS A 52 16.79 -14.54 -2.99
N ASP A 53 17.59 -13.47 -2.89
CA ASP A 53 17.56 -12.48 -1.84
C ASP A 53 16.56 -11.36 -2.25
N SER A 54 15.44 -11.24 -1.51
CA SER A 54 14.39 -10.27 -1.83
C SER A 54 14.73 -8.88 -1.31
N LYS A 55 15.68 -8.81 -0.33
CA LYS A 55 16.10 -7.59 0.37
C LYS A 55 14.88 -6.97 1.09
N CYS A 56 13.86 -7.80 1.46
CA CYS A 56 12.61 -7.40 2.12
C CYS A 56 11.94 -6.30 1.26
N ASP A 57 12.07 -6.42 -0.07
CA ASP A 57 11.60 -5.38 -1.00
C ASP A 57 10.72 -5.95 -2.11
N PRO A 58 9.41 -5.54 -2.19
CA PRO A 58 8.54 -6.09 -3.25
C PRO A 58 8.99 -5.82 -4.69
N GLY A 59 9.57 -4.65 -4.93
CA GLY A 59 10.10 -4.27 -6.24
C GLY A 59 11.17 -5.24 -6.70
N GLN A 60 12.13 -5.50 -5.79
CA GLN A 60 13.27 -6.42 -5.94
C GLN A 60 12.75 -7.87 -6.10
N ALA A 61 11.74 -8.24 -5.29
CA ALA A 61 11.09 -9.56 -5.28
C ALA A 61 10.35 -9.85 -6.60
N THR A 62 9.86 -8.78 -7.27
CA THR A 62 9.16 -8.89 -8.55
C THR A 62 10.09 -9.43 -9.63
N LYS A 63 11.37 -9.00 -9.62
CA LYS A 63 12.38 -9.46 -10.54
C LYS A 63 12.65 -10.98 -10.35
N TYR A 64 12.79 -11.43 -9.09
CA TYR A 64 13.10 -12.81 -8.76
C TYR A 64 11.94 -13.76 -8.88
N LEU A 65 10.67 -13.24 -8.70
CA LEU A 65 9.48 -14.03 -8.88
C LEU A 65 9.43 -14.44 -10.32
N TYR A 66 9.73 -13.48 -11.25
CA TYR A 66 9.82 -13.75 -12.69
C TYR A 66 10.84 -14.85 -12.93
N GLU A 67 12.07 -14.69 -12.37
CA GLU A 67 13.19 -15.62 -12.52
C GLU A 67 12.82 -17.02 -12.07
N LEU A 68 12.02 -17.11 -11.00
CA LEU A 68 11.53 -18.38 -10.46
C LEU A 68 10.47 -19.01 -11.38
N LEU A 69 9.53 -18.22 -11.89
CA LEU A 69 8.46 -18.77 -12.71
C LEU A 69 8.77 -18.99 -14.18
N TYR A 70 9.68 -18.18 -14.77
CA TYR A 70 9.96 -18.22 -16.20
C TYR A 70 11.26 -18.94 -16.55
N ASN A 71 11.82 -19.64 -15.57
CA ASN A 71 12.99 -20.49 -15.76
C ASN A 71 12.77 -21.86 -15.19
N ASP A 72 13.23 -22.86 -15.96
CA ASP A 72 13.24 -24.25 -15.57
C ASP A 72 14.23 -24.38 -14.43
N PRO A 73 13.97 -25.27 -13.45
CA PRO A 73 12.82 -26.21 -13.36
C PRO A 73 11.55 -25.59 -12.81
N ILE A 74 10.40 -26.22 -13.11
CA ILE A 74 9.10 -25.87 -12.58
C ILE A 74 9.20 -26.05 -11.04
N LYS A 75 8.72 -25.05 -10.27
CA LYS A 75 8.71 -25.11 -8.82
C LYS A 75 7.28 -25.47 -8.41
N ILE A 76 7.12 -26.22 -7.30
CA ILE A 76 5.77 -26.65 -6.86
C ILE A 76 5.20 -25.76 -5.77
N ILE A 77 6.04 -24.94 -5.15
CA ILE A 77 5.64 -24.05 -4.07
C ILE A 77 6.55 -22.81 -4.06
N LEU A 78 6.02 -21.70 -3.55
CA LEU A 78 6.78 -20.47 -3.35
C LEU A 78 6.89 -20.24 -1.86
N MET A 79 8.08 -19.81 -1.40
CA MET A 79 8.35 -19.58 0.01
C MET A 79 8.95 -18.16 0.30
N PRO A 80 8.08 -17.13 0.46
CA PRO A 80 8.60 -15.78 0.77
C PRO A 80 8.70 -15.54 2.29
N GLY A 81 9.48 -14.53 2.70
CA GLY A 81 9.63 -14.19 4.12
C GLY A 81 8.85 -12.98 4.63
N CYS A 82 9.23 -11.76 4.15
CA CYS A 82 8.65 -10.46 4.56
C CYS A 82 7.19 -10.38 4.12
N SER A 83 6.36 -9.69 4.90
CA SER A 83 4.91 -9.49 4.59
C SER A 83 4.73 -8.74 3.26
N SER A 84 5.52 -7.69 3.00
CA SER A 84 5.42 -6.91 1.76
C SER A 84 5.74 -7.81 0.58
N VAL A 85 6.72 -8.72 0.75
CA VAL A 85 7.06 -9.67 -0.32
C VAL A 85 5.93 -10.74 -0.46
N SER A 86 5.42 -11.28 0.67
CA SER A 86 4.34 -12.28 0.63
C SER A 86 3.04 -11.69 0.02
N THR A 87 2.76 -10.41 0.24
CA THR A 87 1.52 -9.78 -0.30
C THR A 87 1.57 -9.74 -1.83
N LEU A 88 2.75 -9.43 -2.38
CA LEU A 88 2.98 -9.46 -3.82
C LEU A 88 2.91 -10.90 -4.39
N VAL A 89 3.74 -11.84 -3.84
CA VAL A 89 3.81 -13.19 -4.43
C VAL A 89 2.52 -14.00 -4.15
N ALA A 90 1.91 -13.86 -2.97
CA ALA A 90 0.68 -14.59 -2.64
C ALA A 90 -0.53 -14.16 -3.48
N GLU A 91 -0.60 -12.88 -3.94
CA GLU A 91 -1.68 -12.43 -4.80
C GLU A 91 -1.42 -12.86 -6.24
N ALA A 92 -0.17 -12.73 -6.73
CA ALA A 92 0.21 -13.12 -8.08
C ALA A 92 0.08 -14.65 -8.34
N ALA A 93 0.44 -15.47 -7.33
CA ALA A 93 0.48 -16.94 -7.34
C ALA A 93 -0.68 -17.68 -8.03
N ARG A 94 -1.94 -17.22 -7.89
CA ARG A 94 -3.10 -17.93 -8.50
C ARG A 94 -2.99 -18.09 -10.01
N MET A 95 -2.25 -17.19 -10.68
CA MET A 95 -2.07 -17.24 -12.15
C MET A 95 -1.16 -18.38 -12.60
N TRP A 96 -0.45 -18.99 -11.65
CA TRP A 96 0.43 -20.14 -11.86
C TRP A 96 0.01 -21.32 -11.00
N ASN A 97 -1.18 -21.24 -10.34
CA ASN A 97 -1.74 -22.30 -9.48
C ASN A 97 -0.73 -22.78 -8.45
N LEU A 98 -0.09 -21.84 -7.76
CA LEU A 98 0.96 -22.14 -6.81
C LEU A 98 0.58 -21.86 -5.40
N ILE A 99 0.92 -22.79 -4.52
CA ILE A 99 0.77 -22.67 -3.08
C ILE A 99 1.90 -21.71 -2.65
N VAL A 100 1.61 -20.88 -1.68
CA VAL A 100 2.60 -19.96 -1.14
C VAL A 100 2.69 -20.23 0.34
N LEU A 101 3.90 -20.52 0.85
CA LEU A 101 4.09 -20.81 2.27
C LEU A 101 5.13 -19.87 2.85
N SER A 102 4.70 -18.91 3.68
CA SER A 102 5.61 -17.96 4.29
C SER A 102 6.07 -18.41 5.65
N TYR A 103 7.36 -18.15 5.98
CA TYR A 103 7.94 -18.50 7.27
C TYR A 103 8.09 -17.26 8.19
N GLY A 104 7.87 -16.06 7.63
CA GLY A 104 8.08 -14.84 8.41
C GLY A 104 7.04 -13.74 8.37
N SER A 105 5.94 -13.89 7.63
CA SER A 105 4.93 -12.82 7.48
C SER A 105 3.89 -12.72 8.59
N SER A 106 3.81 -11.55 9.26
CA SER A 106 2.85 -11.30 10.36
C SER A 106 1.61 -10.46 9.96
N SER A 107 1.62 -9.85 8.76
CA SER A 107 0.55 -8.98 8.29
C SER A 107 -0.86 -9.61 8.37
N PRO A 108 -1.77 -9.02 9.18
CA PRO A 108 -3.15 -9.56 9.27
C PRO A 108 -3.87 -9.67 7.93
N ALA A 109 -3.56 -8.76 6.98
CA ALA A 109 -4.15 -8.71 5.64
C ALA A 109 -3.91 -9.96 4.83
N LEU A 110 -2.87 -10.76 5.17
CA LEU A 110 -2.57 -11.99 4.47
C LEU A 110 -3.55 -13.13 4.80
N SER A 111 -4.48 -12.90 5.76
CA SER A 111 -5.51 -13.87 6.16
C SER A 111 -6.78 -13.79 5.28
N ASN A 112 -6.76 -12.97 4.23
CA ASN A 112 -7.84 -12.82 3.27
C ASN A 112 -7.77 -13.90 2.16
N ARG A 113 -8.71 -14.88 2.19
CA ARG A 113 -8.75 -15.98 1.22
C ARG A 113 -9.17 -15.57 -0.19
N GLN A 114 -9.79 -14.40 -0.33
CA GLN A 114 -10.20 -13.89 -1.65
C GLN A 114 -8.98 -13.37 -2.39
N ARG A 115 -8.13 -12.56 -1.72
CA ARG A 115 -6.93 -12.00 -2.35
C ARG A 115 -5.80 -13.05 -2.42
N PHE A 116 -5.70 -13.90 -1.36
CA PHE A 116 -4.61 -14.87 -1.21
C PHE A 116 -5.17 -16.27 -1.07
N PRO A 117 -5.64 -16.85 -2.19
CA PRO A 117 -6.35 -18.14 -2.08
C PRO A 117 -5.51 -19.40 -1.89
N THR A 118 -4.16 -19.37 -2.00
CA THR A 118 -3.32 -20.57 -1.82
C THR A 118 -2.23 -20.33 -0.75
N PHE A 119 -2.45 -19.35 0.13
CA PHE A 119 -1.46 -18.90 1.12
C PHE A 119 -1.57 -19.58 2.47
N PHE A 120 -0.41 -19.95 3.02
CA PHE A 120 -0.24 -20.53 4.33
C PHE A 120 0.97 -19.85 4.96
N ARG A 121 1.08 -19.88 6.29
CA ARG A 121 2.22 -19.31 6.98
C ARG A 121 2.46 -19.99 8.30
N THR A 122 3.74 -20.36 8.60
CA THR A 122 4.11 -20.97 9.89
C THR A 122 4.36 -19.88 10.90
N HIS A 123 4.46 -18.62 10.42
CA HIS A 123 4.55 -17.43 11.26
C HIS A 123 3.10 -17.01 11.52
N PRO A 124 2.67 -16.78 12.75
CA PRO A 124 1.28 -16.33 12.95
C PRO A 124 1.04 -14.89 12.50
N SER A 125 -0.25 -14.55 12.41
CA SER A 125 -0.71 -13.20 12.12
C SER A 125 -0.51 -12.39 13.39
N ALA A 126 -0.27 -11.06 13.27
CA ALA A 126 -0.15 -10.10 14.39
C ALA A 126 -1.45 -10.13 15.25
N THR A 127 -2.61 -10.57 14.67
CA THR A 127 -3.89 -10.71 15.38
C THR A 127 -3.87 -11.84 16.40
N LEU A 128 -2.83 -12.72 16.40
CA LEU A 128 -2.75 -13.79 17.41
C LEU A 128 -2.59 -13.23 18.84
N HIS A 129 -2.15 -11.96 18.98
CA HIS A 129 -1.99 -11.29 20.28
C HIS A 129 -3.37 -10.97 20.92
N ASN A 130 -4.39 -10.72 20.08
CA ASN A 130 -5.75 -10.32 20.48
C ASN A 130 -6.48 -11.36 21.38
N PRO A 131 -6.56 -12.70 21.08
CA PRO A 131 -7.19 -13.63 22.04
C PRO A 131 -6.54 -13.63 23.43
N THR A 132 -5.22 -13.41 23.50
CA THR A 132 -4.45 -13.34 24.74
C THR A 132 -4.82 -12.05 25.47
N ARG A 133 -5.00 -10.96 24.71
CA ARG A 133 -5.41 -9.68 25.26
C ARG A 133 -6.81 -9.77 25.87
N VAL A 134 -7.80 -10.36 25.13
CA VAL A 134 -9.17 -10.48 25.64
C VAL A 134 -9.21 -11.37 26.89
N LYS A 135 -8.45 -12.50 26.89
CA LYS A 135 -8.35 -13.43 28.03
C LYS A 135 -7.75 -12.74 29.27
N LEU A 136 -6.79 -11.81 29.07
CA LEU A 136 -6.18 -11.07 30.18
C LEU A 136 -7.15 -10.06 30.79
N PHE A 137 -8.01 -9.48 29.94
CA PHE A 137 -9.06 -8.55 30.35
C PHE A 137 -10.11 -9.32 31.18
N GLU A 138 -10.50 -10.52 30.70
CA GLU A 138 -11.47 -11.43 31.31
C GLU A 138 -10.98 -11.90 32.70
N LYS A 139 -9.68 -12.21 32.81
CA LYS A 139 -9.02 -12.69 34.03
C LYS A 139 -9.04 -11.61 35.12
N TRP A 140 -8.67 -10.37 34.75
CA TRP A 140 -8.60 -9.24 35.66
C TRP A 140 -9.90 -8.38 35.66
N GLY A 141 -10.96 -8.95 35.09
CA GLY A 141 -12.31 -8.38 35.03
C GLY A 141 -12.42 -6.96 34.53
N TRP A 142 -11.99 -6.70 33.29
CA TRP A 142 -12.08 -5.38 32.66
C TRP A 142 -12.96 -5.45 31.42
N LYS A 143 -13.86 -4.48 31.28
CA LYS A 143 -14.81 -4.41 30.16
C LYS A 143 -14.71 -3.08 29.40
N LYS A 144 -13.83 -2.17 29.87
CA LYS A 144 -13.61 -0.87 29.25
C LYS A 144 -12.12 -0.70 28.91
N ILE A 145 -11.77 -0.70 27.59
CA ILE A 145 -10.38 -0.65 27.12
C ILE A 145 -10.13 0.50 26.13
N ALA A 146 -9.01 1.20 26.31
CA ALA A 146 -8.57 2.27 25.43
C ALA A 146 -7.49 1.73 24.48
N THR A 147 -7.40 2.28 23.26
CA THR A 147 -6.40 1.84 22.26
C THR A 147 -5.68 3.00 21.58
N ILE A 148 -4.34 2.99 21.65
CA ILE A 148 -3.51 3.99 20.97
C ILE A 148 -2.66 3.26 19.88
N GLN A 149 -2.60 3.82 18.67
CA GLN A 149 -1.83 3.19 17.60
C GLN A 149 -1.04 4.14 16.72
N GLN A 150 0.09 3.63 16.20
CA GLN A 150 0.88 4.34 15.22
C GLN A 150 0.14 4.03 13.88
N THR A 151 0.13 5.00 12.97
CA THR A 151 -0.56 4.87 11.70
C THR A 151 0.25 3.99 10.71
N THR A 152 0.00 2.68 10.77
CA THR A 152 0.59 1.65 9.93
C THR A 152 -0.49 0.59 9.78
N GLU A 153 -0.60 0.02 8.59
CA GLU A 153 -1.56 -1.00 8.17
C GLU A 153 -1.70 -2.14 9.17
N VAL A 154 -0.56 -2.73 9.61
CA VAL A 154 -0.56 -3.82 10.57
C VAL A 154 -1.24 -3.45 11.86
N PHE A 155 -0.94 -2.29 12.45
CA PHE A 155 -1.56 -1.86 13.69
C PHE A 155 -3.06 -1.55 13.50
N THR A 156 -3.43 -0.95 12.34
CA THR A 156 -4.85 -0.67 12.02
C THR A 156 -5.65 -1.99 11.93
N SER A 157 -5.10 -3.00 11.21
CA SER A 157 -5.72 -4.31 11.02
C SER A 157 -5.80 -5.05 12.33
N THR A 158 -4.78 -4.90 13.19
CA THR A 158 -4.76 -5.59 14.47
C THR A 158 -5.86 -5.02 15.36
N LEU A 159 -6.01 -3.68 15.37
CA LEU A 159 -7.07 -3.05 16.18
C LEU A 159 -8.45 -3.38 15.64
N ASP A 160 -8.57 -3.47 14.29
CA ASP A 160 -9.86 -3.87 13.69
C ASP A 160 -10.26 -5.26 14.15
N ASP A 161 -9.30 -6.19 14.28
CA ASP A 161 -9.56 -7.52 14.78
C ASP A 161 -9.87 -7.48 16.30
N LEU A 162 -9.17 -6.61 17.05
CA LEU A 162 -9.39 -6.45 18.49
C LEU A 162 -10.83 -5.99 18.81
N GLU A 163 -11.41 -5.16 17.92
CA GLU A 163 -12.78 -4.66 17.99
C GLU A 163 -13.80 -5.81 17.94
N GLU A 164 -13.74 -6.68 16.89
CA GLU A 164 -14.68 -7.80 16.77
C GLU A 164 -14.50 -8.86 17.87
N ARG A 165 -13.28 -9.04 18.40
CA ARG A 165 -12.97 -10.02 19.45
C ARG A 165 -13.43 -9.57 20.86
N VAL A 166 -13.36 -8.25 21.17
CA VAL A 166 -13.82 -7.72 22.46
C VAL A 166 -15.37 -7.77 22.55
N LYS A 167 -16.05 -7.53 21.42
CA LYS A 167 -17.50 -7.56 21.30
C LYS A 167 -18.03 -8.95 21.65
N GLU A 168 -17.31 -10.01 21.21
CA GLU A 168 -17.65 -11.41 21.48
C GLU A 168 -17.59 -11.74 22.98
N ALA A 169 -16.74 -11.04 23.75
CA ALA A 169 -16.51 -11.26 25.19
C ALA A 169 -17.23 -10.29 26.14
N GLY A 170 -18.08 -9.43 25.57
CA GLY A 170 -18.82 -8.42 26.34
C GLY A 170 -17.92 -7.33 26.90
N ILE A 171 -16.90 -6.94 26.11
CA ILE A 171 -15.92 -5.89 26.44
C ILE A 171 -16.01 -4.81 25.34
N GLU A 172 -15.85 -3.54 25.71
CA GLU A 172 -15.95 -2.44 24.74
C GLU A 172 -14.72 -1.55 24.70
N ILE A 173 -14.43 -1.00 23.50
CA ILE A 173 -13.31 -0.09 23.31
C ILE A 173 -13.84 1.31 23.56
N THR A 174 -13.41 1.92 24.67
CA THR A 174 -13.83 3.26 25.11
C THR A 174 -13.34 4.33 24.16
N PHE A 175 -12.01 4.44 23.99
CA PHE A 175 -11.38 5.47 23.15
C PHE A 175 -10.27 4.92 22.27
N ARG A 176 -10.26 5.35 20.98
CA ARG A 176 -9.25 4.95 20.03
C ARG A 176 -8.52 6.18 19.49
N GLN A 177 -7.22 6.26 19.75
CA GLN A 177 -6.36 7.37 19.32
C GLN A 177 -5.23 6.89 18.38
N SER A 178 -4.79 7.77 17.46
CA SER A 178 -3.73 7.43 16.51
C SER A 178 -2.79 8.57 16.20
N PHE A 179 -1.57 8.23 15.78
CA PHE A 179 -0.54 9.21 15.43
C PHE A 179 0.32 8.70 14.28
N PHE A 180 0.91 9.60 13.50
CA PHE A 180 1.76 9.16 12.42
C PHE A 180 3.20 8.91 12.89
N SER A 181 3.82 9.92 13.52
CA SER A 181 5.20 9.88 14.00
C SER A 181 5.28 10.49 15.42
N ASP A 182 4.58 11.62 15.64
CA ASP A 182 4.57 12.30 16.93
C ASP A 182 3.32 11.96 17.68
N PRO A 183 3.41 11.36 18.89
CA PRO A 183 2.19 11.16 19.66
C PRO A 183 1.84 12.50 20.35
N ALA A 184 2.06 12.64 21.68
CA ALA A 184 1.75 13.84 22.48
C ALA A 184 0.26 14.13 22.53
N VAL A 185 -0.38 14.45 21.38
CA VAL A 185 -1.83 14.69 21.33
C VAL A 185 -2.61 13.41 21.73
N PRO A 186 -2.36 12.17 21.19
CA PRO A 186 -3.13 11.02 21.68
C PRO A 186 -2.87 10.68 23.14
N VAL A 187 -1.63 10.91 23.62
CA VAL A 187 -1.20 10.66 25.00
C VAL A 187 -1.93 11.66 25.94
N LYS A 188 -1.93 12.96 25.54
CA LYS A 188 -2.61 14.08 26.19
C LYS A 188 -4.11 13.75 26.26
N ASN A 189 -4.69 13.28 25.12
CA ASN A 189 -6.09 12.87 24.99
C ASN A 189 -6.43 11.65 25.87
N LEU A 190 -5.45 10.75 26.17
CA LEU A 190 -5.66 9.58 27.02
C LEU A 190 -5.81 9.95 28.52
N LYS A 191 -5.05 10.95 28.99
CA LYS A 191 -5.12 11.49 30.36
C LYS A 191 -6.47 12.23 30.52
N ARG A 192 -6.85 13.01 29.48
CA ARG A 192 -8.08 13.80 29.32
C ARG A 192 -9.33 12.95 29.53
N GLN A 193 -9.40 11.77 28.85
CA GLN A 193 -10.54 10.86 28.89
C GLN A 193 -10.53 9.89 30.09
N ASP A 194 -9.49 10.00 30.95
CA ASP A 194 -9.26 9.18 32.16
C ASP A 194 -9.21 7.67 31.84
N ALA A 195 -8.54 7.32 30.72
CA ALA A 195 -8.35 5.93 30.27
C ALA A 195 -7.41 5.21 31.24
N ARG A 196 -7.76 3.97 31.62
CA ARG A 196 -6.95 3.20 32.57
C ARG A 196 -6.25 1.96 31.93
N ILE A 197 -7.02 1.10 31.23
CA ILE A 197 -6.46 -0.06 30.55
C ILE A 197 -6.17 0.37 29.09
N ILE A 198 -4.87 0.46 28.70
CA ILE A 198 -4.48 0.96 27.35
C ILE A 198 -3.62 -0.02 26.52
N VAL A 199 -4.14 -0.38 25.34
CA VAL A 199 -3.45 -1.22 24.37
C VAL A 199 -2.74 -0.26 23.41
N GLY A 200 -1.40 -0.30 23.40
CA GLY A 200 -0.56 0.52 22.54
C GLY A 200 0.17 -0.28 21.48
N LEU A 201 -0.11 0.00 20.19
CA LEU A 201 0.47 -0.70 19.03
C LEU A 201 1.33 0.21 18.19
N PHE A 202 2.65 0.07 18.28
CA PHE A 202 3.62 0.89 17.55
C PHE A 202 4.95 0.17 17.48
N TYR A 203 5.87 0.68 16.66
CA TYR A 203 7.22 0.15 16.60
C TYR A 203 8.03 0.74 17.75
N GLU A 204 9.26 0.21 17.98
CA GLU A 204 10.17 0.56 19.07
C GLU A 204 10.53 2.04 19.13
N THR A 205 10.85 2.67 17.99
CA THR A 205 11.22 4.11 17.94
C THR A 205 10.06 4.98 18.44
N GLU A 206 8.84 4.64 18.00
CA GLU A 206 7.60 5.33 18.36
C GLU A 206 7.20 4.99 19.80
N ALA A 207 7.55 3.77 20.29
CA ALA A 207 7.26 3.36 21.65
C ALA A 207 7.98 4.27 22.65
N ARG A 208 9.23 4.65 22.34
CA ARG A 208 10.05 5.53 23.16
C ARG A 208 9.42 6.92 23.27
N LYS A 209 8.94 7.44 22.12
CA LYS A 209 8.27 8.72 22.02
C LYS A 209 6.99 8.67 22.82
N VAL A 210 6.22 7.56 22.69
CA VAL A 210 4.96 7.33 23.43
C VAL A 210 5.20 7.36 24.94
N PHE A 211 6.20 6.58 25.43
CA PHE A 211 6.48 6.47 26.85
C PHE A 211 7.19 7.71 27.43
N CYS A 212 7.86 8.52 26.59
CA CYS A 212 8.40 9.77 27.09
C CYS A 212 7.21 10.71 27.33
N GLU A 213 6.24 10.70 26.41
CA GLU A 213 5.01 11.49 26.56
C GLU A 213 4.15 10.97 27.74
N VAL A 214 4.18 9.64 27.98
CA VAL A 214 3.49 8.97 29.09
C VAL A 214 4.08 9.48 30.40
N TYR A 215 5.40 9.74 30.43
CA TYR A 215 6.05 10.26 31.62
C TYR A 215 5.49 11.62 32.02
N LYS A 216 5.65 12.64 31.16
CA LYS A 216 5.19 14.02 31.32
C LYS A 216 3.73 14.14 31.80
N GLU A 217 2.81 13.39 31.16
CA GLU A 217 1.38 13.38 31.51
C GLU A 217 1.06 12.46 32.72
N ARG A 218 2.09 11.83 33.30
CA ARG A 218 2.01 10.91 34.45
C ARG A 218 0.93 9.82 34.24
N LEU A 219 0.93 9.23 33.02
CA LEU A 219 0.00 8.17 32.60
C LEU A 219 0.39 6.79 33.10
N PHE A 220 1.49 6.71 33.87
CA PHE A 220 1.98 5.50 34.49
C PHE A 220 1.58 5.54 35.95
N GLY A 221 1.73 4.41 36.63
CA GLY A 221 1.41 4.26 38.04
C GLY A 221 0.37 3.20 38.31
N LYS A 222 -0.07 3.12 39.57
CA LYS A 222 -1.07 2.19 40.10
C LYS A 222 -2.39 2.24 39.33
N LYS A 223 -2.80 3.43 38.85
CA LYS A 223 -4.07 3.63 38.14
C LYS A 223 -4.16 2.97 36.74
N TYR A 224 -3.01 2.75 36.06
CA TYR A 224 -3.00 2.26 34.67
C TYR A 224 -2.18 1.01 34.36
N VAL A 225 -2.65 0.29 33.34
CA VAL A 225 -2.00 -0.91 32.79
C VAL A 225 -1.82 -0.69 31.28
N TRP A 226 -0.57 -0.79 30.83
CA TRP A 226 -0.24 -0.67 29.41
C TRP A 226 -0.01 -2.05 28.81
N PHE A 227 -0.64 -2.32 27.65
CA PHE A 227 -0.53 -3.56 26.90
C PHE A 227 0.25 -3.29 25.62
N LEU A 228 1.52 -3.75 25.58
CA LEU A 228 2.43 -3.53 24.45
C LEU A 228 2.83 -4.85 23.74
N ILE A 229 3.53 -4.73 22.59
CA ILE A 229 4.01 -5.90 21.86
C ILE A 229 5.36 -6.27 22.49
N GLY A 230 5.60 -7.57 22.61
CA GLY A 230 6.80 -8.10 23.24
C GLY A 230 8.02 -8.34 22.39
N TRP A 231 8.09 -7.76 21.18
CA TRP A 231 9.29 -8.08 20.40
C TRP A 231 10.26 -6.92 20.26
N TYR A 232 10.16 -5.92 21.15
CA TYR A 232 11.16 -4.85 21.16
C TYR A 232 12.46 -5.43 21.70
N ALA A 233 13.57 -4.75 21.46
CA ALA A 233 14.88 -5.15 21.99
C ALA A 233 14.81 -5.15 23.53
N ASP A 234 15.74 -5.88 24.17
CA ASP A 234 15.88 -5.87 25.62
C ASP A 234 16.34 -4.44 25.96
N ASN A 235 15.70 -3.83 26.98
CA ASN A 235 16.00 -2.47 27.46
C ASN A 235 15.78 -1.39 26.41
N TRP A 236 14.66 -1.49 25.65
CA TRP A 236 14.29 -0.53 24.58
C TRP A 236 14.07 0.89 25.11
N PHE A 237 13.51 1.01 26.33
CA PHE A 237 13.25 2.30 27.01
C PHE A 237 14.53 2.96 27.50
N LYS A 238 15.56 2.15 27.78
CA LYS A 238 16.88 2.60 28.28
C LYS A 238 17.75 3.12 27.14
N ILE A 239 17.37 2.76 25.89
CA ILE A 239 18.08 3.15 24.66
C ILE A 239 18.04 4.66 24.43
N TYR A 240 19.19 5.21 24.08
CA TYR A 240 19.37 6.62 23.82
C TYR A 240 18.77 7.07 22.47
N ASP A 241 17.91 8.07 22.53
CA ASP A 241 17.28 8.65 21.37
C ASP A 241 17.36 10.20 21.50
N PRO A 242 18.07 10.92 20.60
CA PRO A 242 18.14 12.40 20.74
C PRO A 242 16.79 13.16 20.72
N SER A 243 15.76 12.59 20.06
CA SER A 243 14.41 13.15 19.95
C SER A 243 13.51 12.91 21.18
N ILE A 244 14.07 12.39 22.29
CA ILE A 244 13.33 12.17 23.54
C ILE A 244 13.86 13.09 24.64
N ASN A 245 12.96 13.86 25.27
CA ASN A 245 13.29 14.79 26.36
C ASN A 245 13.59 14.01 27.64
N CYS A 246 12.76 12.99 27.93
CA CYS A 246 12.83 12.13 29.10
C CYS A 246 14.15 11.39 29.21
N THR A 247 14.52 11.02 30.44
CA THR A 247 15.77 10.34 30.72
C THR A 247 15.55 8.84 30.94
N VAL A 248 16.68 8.07 31.09
CA VAL A 248 16.71 6.62 31.31
C VAL A 248 15.83 6.27 32.51
N ASP A 249 16.08 6.91 33.68
CA ASP A 249 15.32 6.74 34.91
C ASP A 249 13.85 7.15 34.73
N GLU A 250 13.59 8.24 33.97
CA GLU A 250 12.24 8.73 33.69
C GLU A 250 11.43 7.69 32.91
N MET A 251 12.04 7.14 31.85
CA MET A 251 11.45 6.11 31.01
C MET A 251 11.27 4.82 31.78
N THR A 252 12.25 4.45 32.64
CA THR A 252 12.20 3.23 33.48
C THR A 252 11.00 3.30 34.43
N GLU A 253 10.65 4.51 34.87
CA GLU A 253 9.51 4.77 35.76
C GLU A 253 8.20 4.61 35.00
N ALA A 254 8.09 5.22 33.80
CA ALA A 254 6.90 5.17 32.93
C ALA A 254 6.52 3.76 32.43
N VAL A 255 7.51 2.89 32.21
CA VAL A 255 7.32 1.54 31.69
C VAL A 255 6.99 0.47 32.77
N GLU A 256 7.34 0.69 34.06
CA GLU A 256 7.11 -0.27 35.16
C GLU A 256 5.67 -0.81 35.18
N GLY A 257 5.56 -2.14 35.26
CA GLY A 257 4.29 -2.86 35.33
C GLY A 257 3.55 -3.15 34.04
N HIS A 258 4.02 -2.59 32.89
CA HIS A 258 3.32 -2.84 31.62
C HIS A 258 3.38 -4.32 31.20
N ILE A 259 2.32 -4.80 30.56
CA ILE A 259 2.20 -6.17 30.07
C ILE A 259 2.58 -6.23 28.56
N THR A 260 3.23 -7.34 28.15
CA THR A 260 3.54 -7.60 26.73
C THR A 260 3.06 -8.98 26.32
N THR A 261 2.67 -9.09 25.06
CA THR A 261 2.30 -10.34 24.42
C THR A 261 3.29 -10.57 23.23
N GLU A 262 3.73 -11.81 23.03
CA GLU A 262 4.63 -12.18 21.95
C GLU A 262 4.40 -13.62 21.62
N ILE A 263 4.65 -13.99 20.37
CA ILE A 263 4.45 -15.34 19.89
C ILE A 263 5.61 -16.24 20.31
N VAL A 264 5.27 -17.44 20.81
CA VAL A 264 6.23 -18.46 21.19
C VAL A 264 6.68 -19.07 19.87
N MET A 265 7.98 -18.94 19.58
CA MET A 265 8.58 -19.41 18.34
C MET A 265 9.47 -20.62 18.49
N LEU A 266 9.84 -20.95 19.72
CA LEU A 266 10.69 -22.07 20.08
C LEU A 266 10.04 -22.72 21.29
N ASN A 267 9.69 -24.00 21.19
CA ASN A 267 9.03 -24.74 22.27
C ASN A 267 9.82 -24.62 23.62
N PRO A 268 9.24 -24.00 24.67
CA PRO A 268 9.99 -23.87 25.94
C PRO A 268 10.29 -25.25 26.57
N ALA A 269 9.42 -26.25 26.29
CA ALA A 269 9.55 -27.64 26.74
C ALA A 269 10.78 -28.31 26.11
N ASN A 270 11.32 -29.32 26.83
CA ASN A 270 12.53 -30.08 26.48
C ASN A 270 12.21 -31.34 25.63
N THR A 271 10.96 -31.44 25.14
CA THR A 271 10.45 -32.54 24.32
C THR A 271 11.16 -32.65 22.94
N ARG A 272 11.05 -33.82 22.29
CA ARG A 272 11.63 -34.04 20.96
C ARG A 272 10.53 -33.97 19.92
N SER A 273 10.78 -33.20 18.83
CA SER A 273 9.78 -33.01 17.78
C SER A 273 9.94 -34.04 16.66
N ILE A 274 9.18 -33.90 15.53
CA ILE A 274 9.22 -34.83 14.39
C ILE A 274 10.67 -35.03 13.87
N SER A 275 11.55 -34.02 13.93
CA SER A 275 12.93 -34.20 13.46
C SER A 275 13.77 -35.04 14.43
N ASN A 276 13.26 -35.19 15.67
CA ASN A 276 13.85 -35.84 16.84
C ASN A 276 14.86 -34.94 17.55
N MET A 277 14.78 -33.63 17.26
CA MET A 277 15.65 -32.66 17.92
C MET A 277 14.87 -32.06 19.07
N THR A 278 15.58 -31.43 20.01
CA THR A 278 14.98 -30.66 21.09
C THR A 278 15.14 -29.21 20.62
N SER A 279 14.47 -28.25 21.27
CA SER A 279 14.58 -26.81 20.96
C SER A 279 16.05 -26.35 21.05
N GLN A 280 16.73 -26.79 22.10
CA GLN A 280 18.11 -26.47 22.40
C GLN A 280 19.11 -27.03 21.38
N GLU A 281 18.83 -28.24 20.83
CA GLU A 281 19.67 -28.88 19.80
C GLU A 281 19.51 -28.13 18.49
N PHE A 282 18.25 -27.73 18.14
CA PHE A 282 18.00 -26.94 16.94
C PHE A 282 18.86 -25.68 17.00
N VAL A 283 18.76 -24.94 18.12
CA VAL A 283 19.52 -23.71 18.35
C VAL A 283 21.03 -23.94 18.20
N GLU A 284 21.57 -25.04 18.82
CA GLU A 284 22.99 -25.36 18.77
C GLU A 284 23.42 -25.70 17.35
N LYS A 285 22.62 -26.50 16.64
CA LYS A 285 22.90 -26.87 15.26
C LYS A 285 22.88 -25.67 14.32
N LEU A 286 21.90 -24.77 14.51
CA LEU A 286 21.78 -23.55 13.68
C LEU A 286 22.93 -22.58 13.88
N THR A 287 23.36 -22.39 15.14
CA THR A 287 24.48 -21.50 15.49
C THR A 287 25.78 -21.92 14.75
N LYS A 288 26.03 -23.24 14.62
CA LYS A 288 27.21 -23.81 13.93
C LYS A 288 27.25 -23.42 12.45
N ARG A 289 26.07 -23.40 11.78
CA ARG A 289 25.89 -23.08 10.36
C ARG A 289 26.03 -21.58 10.04
N LEU A 290 25.96 -20.73 11.07
CA LEU A 290 26.02 -19.28 10.91
C LEU A 290 27.44 -18.70 10.90
N LYS A 291 27.68 -17.72 10.00
CA LYS A 291 28.95 -16.99 9.83
C LYS A 291 29.16 -16.05 11.01
N ARG A 292 28.08 -15.40 11.46
CA ARG A 292 28.08 -14.47 12.57
C ARG A 292 27.34 -15.06 13.79
N HIS A 293 27.41 -14.37 14.93
CA HIS A 293 26.75 -14.79 16.17
C HIS A 293 25.20 -14.66 16.10
N PRO A 294 24.43 -15.54 16.82
CA PRO A 294 22.95 -15.42 16.78
C PRO A 294 22.37 -14.02 16.96
N GLU A 295 22.97 -13.22 17.88
CA GLU A 295 22.56 -11.83 18.17
C GLU A 295 22.75 -10.89 16.97
N GLU A 296 23.74 -11.18 16.11
CA GLU A 296 24.08 -10.42 14.91
C GLU A 296 23.37 -11.03 13.66
N THR A 297 22.57 -12.09 13.85
CA THR A 297 21.90 -12.78 12.75
C THR A 297 20.39 -12.45 12.71
N GLY A 298 19.98 -11.81 11.61
CA GLY A 298 18.59 -11.44 11.36
C GLY A 298 17.72 -12.67 11.27
N GLY A 299 16.56 -12.58 11.90
CA GLY A 299 15.56 -13.66 11.90
C GLY A 299 15.91 -14.89 12.72
N PHE A 300 16.81 -14.74 13.71
CA PHE A 300 17.24 -15.86 14.53
C PHE A 300 16.06 -16.48 15.29
N GLN A 301 15.18 -15.65 15.88
CA GLN A 301 14.01 -16.14 16.62
C GLN A 301 12.96 -16.79 15.73
N GLU A 302 12.87 -16.33 14.46
CA GLU A 302 11.90 -16.88 13.50
C GLU A 302 12.39 -18.13 12.85
N ALA A 303 13.72 -18.40 12.88
CA ALA A 303 14.35 -19.60 12.25
C ALA A 303 13.61 -20.92 12.51
N PRO A 304 13.10 -21.22 13.74
CA PRO A 304 12.30 -22.44 13.92
C PRO A 304 11.05 -22.55 13.03
N LEU A 305 10.45 -21.39 12.68
CA LEU A 305 9.24 -21.34 11.83
C LEU A 305 9.58 -21.70 10.40
N ALA A 306 10.79 -21.30 9.93
CA ALA A 306 11.27 -21.61 8.57
C ALA A 306 11.62 -23.09 8.50
N TYR A 307 12.26 -23.61 9.55
CA TYR A 307 12.56 -25.03 9.69
C TYR A 307 11.24 -25.82 9.63
N ASP A 308 10.20 -25.39 10.37
CA ASP A 308 8.90 -26.09 10.43
C ASP A 308 8.07 -25.97 9.19
N ALA A 309 8.28 -24.88 8.41
CA ALA A 309 7.61 -24.65 7.14
C ALA A 309 7.98 -25.76 6.17
N ILE A 310 9.29 -26.12 6.13
CA ILE A 310 9.80 -27.19 5.27
C ILE A 310 9.16 -28.52 5.66
N TRP A 311 9.09 -28.82 6.96
CA TRP A 311 8.45 -30.06 7.45
C TRP A 311 6.96 -30.10 7.11
N ALA A 312 6.25 -28.96 7.26
CA ALA A 312 4.81 -28.87 6.93
C ALA A 312 4.60 -29.20 5.46
N LEU A 313 5.46 -28.63 4.59
CA LEU A 313 5.42 -28.90 3.16
C LEU A 313 5.75 -30.39 2.85
N ALA A 314 6.86 -30.92 3.42
CA ALA A 314 7.27 -32.31 3.24
C ALA A 314 6.12 -33.27 3.64
N LEU A 315 5.53 -33.06 4.84
CA LEU A 315 4.40 -33.87 5.32
C LEU A 315 3.16 -33.76 4.43
N ALA A 316 2.90 -32.56 3.89
CA ALA A 316 1.78 -32.35 2.99
C ALA A 316 2.02 -33.11 1.68
N LEU A 317 3.23 -32.97 1.11
CA LEU A 317 3.64 -33.64 -0.13
C LEU A 317 3.64 -35.15 0.08
N ASN A 318 3.97 -35.59 1.29
CA ASN A 318 3.95 -36.98 1.72
C ASN A 318 2.52 -37.54 1.71
N LYS A 319 1.54 -36.74 2.21
CA LYS A 319 0.12 -37.12 2.24
C LYS A 319 -0.44 -37.28 0.83
N THR A 320 0.00 -36.44 -0.11
CA THR A 320 -0.46 -36.47 -1.51
C THR A 320 0.29 -37.54 -2.33
N SER A 321 1.63 -37.61 -2.17
CA SER A 321 2.58 -38.50 -2.86
C SER A 321 2.47 -38.48 -4.37
N ARG A 330 2.34 -38.03 -7.64
CA ARG A 330 2.46 -37.62 -9.04
C ARG A 330 3.05 -36.19 -9.13
N LEU A 331 3.98 -35.86 -8.19
CA LEU A 331 4.59 -34.54 -8.03
C LEU A 331 5.37 -34.03 -9.24
N GLU A 332 5.99 -34.93 -10.01
CA GLU A 332 6.76 -34.60 -11.21
C GLU A 332 5.88 -34.04 -12.34
N ASP A 333 4.57 -34.32 -12.33
CA ASP A 333 3.68 -33.86 -13.40
C ASP A 333 3.05 -32.47 -13.14
N PHE A 334 3.52 -31.75 -12.09
CA PHE A 334 3.01 -30.41 -11.77
C PHE A 334 3.29 -29.38 -12.88
N ASN A 335 2.25 -28.63 -13.25
CA ASN A 335 2.28 -27.56 -14.26
C ASN A 335 1.52 -26.33 -13.76
N TYR A 336 1.99 -25.12 -14.14
CA TYR A 336 1.36 -23.83 -13.77
C TYR A 336 -0.04 -23.65 -14.36
N ASN A 337 -0.38 -24.41 -15.42
CA ASN A 337 -1.69 -24.29 -16.07
C ASN A 337 -2.76 -25.18 -15.43
N ASN A 338 -2.35 -26.02 -14.47
CA ASN A 338 -3.25 -26.95 -13.84
C ASN A 338 -3.34 -26.82 -12.31
N GLN A 339 -4.56 -26.86 -11.82
CA GLN A 339 -5.06 -26.72 -10.45
C GLN A 339 -5.13 -28.05 -9.66
N THR A 340 -5.23 -29.20 -10.37
CA THR A 340 -5.45 -30.52 -9.74
C THR A 340 -4.45 -30.84 -8.63
N ILE A 341 -3.14 -30.80 -8.92
CA ILE A 341 -2.14 -31.06 -7.89
C ILE A 341 -2.19 -30.01 -6.77
N THR A 342 -2.36 -28.71 -7.12
CA THR A 342 -2.39 -27.57 -6.17
C THR A 342 -3.46 -27.81 -5.12
N ASP A 343 -4.68 -28.15 -5.57
CA ASP A 343 -5.85 -28.40 -4.75
C ASP A 343 -5.61 -29.53 -3.76
N GLN A 344 -4.84 -30.54 -4.18
CA GLN A 344 -4.48 -31.67 -3.31
C GLN A 344 -3.46 -31.25 -2.23
N ILE A 345 -2.43 -30.45 -2.61
CA ILE A 345 -1.47 -29.97 -1.62
C ILE A 345 -2.18 -28.95 -0.70
N TYR A 346 -3.12 -28.15 -1.25
CA TYR A 346 -3.89 -27.21 -0.42
C TYR A 346 -4.58 -27.97 0.71
N ARG A 347 -5.29 -29.08 0.36
CA ARG A 347 -6.02 -29.95 1.26
C ARG A 347 -5.14 -30.58 2.32
N ALA A 348 -3.96 -31.08 1.92
CA ALA A 348 -2.96 -31.67 2.82
C ALA A 348 -2.38 -30.61 3.73
N MET A 349 -2.07 -29.41 3.18
CA MET A 349 -1.52 -28.29 3.97
C MET A 349 -2.53 -27.85 5.03
N ASN A 350 -3.81 -27.73 4.63
CA ASN A 350 -4.93 -27.36 5.52
C ASN A 350 -5.10 -28.31 6.70
N SER A 351 -4.86 -29.60 6.47
CA SER A 351 -5.00 -30.63 7.50
C SER A 351 -3.68 -30.95 8.22
N SER A 352 -2.69 -30.01 8.20
CA SER A 352 -1.42 -30.18 8.90
C SER A 352 -1.69 -30.27 10.40
N SER A 353 -0.98 -31.20 11.05
CA SER A 353 -0.97 -31.37 12.50
C SER A 353 0.24 -32.20 12.87
N PHE A 354 1.26 -31.56 13.45
CA PHE A 354 2.51 -32.22 13.83
C PHE A 354 3.26 -31.35 14.84
N GLU A 355 4.32 -31.90 15.44
CA GLU A 355 5.15 -31.21 16.42
C GLU A 355 6.45 -30.79 15.76
N GLY A 356 6.68 -29.48 15.69
CA GLY A 356 7.92 -28.96 15.12
C GLY A 356 8.79 -28.40 16.20
N VAL A 357 9.90 -27.78 15.82
CA VAL A 357 10.82 -27.13 16.75
C VAL A 357 10.16 -25.88 17.40
N SER A 358 9.14 -25.29 16.72
CA SER A 358 8.41 -24.12 17.23
C SER A 358 7.16 -24.53 18.05
N GLY A 359 6.95 -25.83 18.18
CA GLY A 359 5.82 -26.40 18.90
C GLY A 359 4.85 -27.04 17.93
N HIS A 360 3.59 -27.15 18.35
CA HIS A 360 2.53 -27.75 17.54
C HIS A 360 2.18 -26.87 16.35
N VAL A 361 2.23 -27.47 15.15
CA VAL A 361 1.98 -26.76 13.92
C VAL A 361 0.62 -27.12 13.35
N VAL A 362 -0.25 -26.10 13.30
CA VAL A 362 -1.61 -26.12 12.78
C VAL A 362 -1.94 -24.76 12.17
N PHE A 363 -2.68 -24.76 11.05
CA PHE A 363 -3.17 -23.53 10.42
C PHE A 363 -4.68 -23.40 10.64
N ASP A 364 -5.20 -22.15 10.74
CA ASP A 364 -6.64 -21.89 10.84
C ASP A 364 -7.24 -21.94 9.42
N ALA A 365 -8.52 -21.56 9.24
CA ALA A 365 -9.19 -21.57 7.93
C ALA A 365 -8.55 -20.64 6.90
N SER A 366 -7.90 -19.56 7.38
CA SER A 366 -7.21 -18.55 6.57
C SER A 366 -5.78 -18.98 6.16
N GLY A 367 -5.31 -20.11 6.69
CA GLY A 367 -3.98 -20.64 6.41
C GLY A 367 -2.93 -20.06 7.33
N SER A 368 -3.38 -19.35 8.37
CA SER A 368 -2.52 -18.70 9.35
C SER A 368 -2.24 -19.59 10.55
N ARG A 369 -0.95 -19.62 10.95
CA ARG A 369 -0.42 -20.41 12.06
C ARG A 369 -1.09 -20.14 13.39
N MET A 370 -1.38 -21.23 14.15
CA MET A 370 -1.93 -21.18 15.51
C MET A 370 -0.82 -21.55 16.47
N ALA A 371 -0.57 -20.69 17.46
CA ALA A 371 0.51 -20.93 18.39
C ALA A 371 0.27 -20.32 19.76
N TRP A 372 1.13 -20.69 20.72
CA TRP A 372 1.14 -20.17 22.07
C TRP A 372 1.67 -18.74 22.04
N THR A 373 1.26 -17.96 23.03
CA THR A 373 1.76 -16.61 23.26
C THR A 373 2.42 -16.63 24.65
N LEU A 374 3.47 -15.83 24.81
CA LEU A 374 4.16 -15.65 26.07
C LEU A 374 3.73 -14.28 26.59
N ILE A 375 3.24 -14.25 27.84
CA ILE A 375 2.77 -13.05 28.51
C ILE A 375 3.86 -12.61 29.47
N GLU A 376 4.28 -11.37 29.38
CA GLU A 376 5.31 -10.88 30.28
C GLU A 376 4.90 -9.57 30.93
N GLN A 377 5.55 -9.24 32.06
CA GLN A 377 5.32 -7.99 32.78
C GLN A 377 6.67 -7.41 33.10
N LEU A 378 6.80 -6.09 32.95
CA LEU A 378 8.02 -5.41 33.31
C LEU A 378 8.06 -5.12 34.83
N GLN A 379 8.80 -5.97 35.59
CA GLN A 379 8.99 -5.89 37.03
C GLN A 379 10.43 -5.44 37.32
N GLY A 380 10.58 -4.22 37.83
CA GLY A 380 11.87 -3.63 38.19
C GLY A 380 12.83 -3.44 37.04
N GLY A 381 12.32 -2.90 35.94
CA GLY A 381 13.09 -2.64 34.73
C GLY A 381 13.52 -3.87 33.96
N SER A 382 12.91 -5.01 34.26
CA SER A 382 13.20 -6.28 33.58
C SER A 382 11.91 -7.01 33.35
N TYR A 383 11.85 -7.85 32.32
CA TYR A 383 10.65 -8.62 32.02
C TYR A 383 10.67 -9.96 32.72
N LYS A 384 9.55 -10.32 33.35
CA LYS A 384 9.34 -11.60 34.03
C LYS A 384 8.20 -12.32 33.31
N LYS A 385 8.34 -13.63 33.09
CA LYS A 385 7.34 -14.44 32.40
C LYS A 385 6.16 -14.71 33.35
N ILE A 386 5.02 -14.06 33.11
CA ILE A 386 3.86 -14.22 33.98
C ILE A 386 2.86 -15.28 33.48
N GLY A 387 3.02 -15.73 32.24
CA GLY A 387 2.14 -16.76 31.69
C GLY A 387 2.28 -17.05 30.20
N TYR A 388 1.44 -17.99 29.73
CA TYR A 388 1.35 -18.43 28.34
C TYR A 388 -0.13 -18.64 27.97
N TYR A 389 -0.53 -18.36 26.72
CA TYR A 389 -1.92 -18.62 26.35
C TYR A 389 -2.06 -19.35 25.01
N ASP A 390 -2.91 -20.39 25.00
CA ASP A 390 -3.26 -21.23 23.85
C ASP A 390 -4.70 -20.95 23.41
N SER A 391 -4.85 -20.06 22.41
CA SER A 391 -6.09 -19.58 21.80
C SER A 391 -7.06 -20.69 21.35
N THR A 392 -6.53 -21.77 20.76
CA THR A 392 -7.33 -22.87 20.21
C THR A 392 -8.01 -23.72 21.29
N LYS A 393 -7.30 -23.96 22.40
CA LYS A 393 -7.79 -24.77 23.51
C LYS A 393 -8.27 -23.95 24.72
N ASP A 394 -8.20 -22.60 24.64
CA ASP A 394 -8.58 -21.67 25.71
C ASP A 394 -7.81 -22.03 27.00
N ASP A 395 -6.55 -22.41 26.84
CA ASP A 395 -5.68 -22.85 27.93
C ASP A 395 -4.69 -21.77 28.35
N LEU A 396 -4.85 -21.28 29.59
CA LEU A 396 -3.97 -20.28 30.17
C LEU A 396 -3.04 -20.94 31.19
N SER A 397 -1.72 -20.86 30.93
CA SER A 397 -0.68 -21.35 31.83
C SER A 397 -0.33 -20.19 32.71
N TRP A 398 -0.75 -20.23 33.97
CA TRP A 398 -0.49 -19.10 34.84
C TRP A 398 0.53 -19.40 35.91
N SER A 399 1.55 -18.53 35.97
CA SER A 399 2.59 -18.58 36.99
C SER A 399 2.30 -17.40 37.91
N LYS A 400 2.33 -17.64 39.21
CA LYS A 400 2.04 -16.62 40.21
C LYS A 400 3.25 -15.71 40.39
N THR A 401 3.60 -14.97 39.32
CA THR A 401 4.75 -14.08 39.32
C THR A 401 4.35 -12.63 38.91
N ASP A 402 3.05 -12.39 38.63
CA ASP A 402 2.55 -11.05 38.31
C ASP A 402 2.51 -10.19 39.59
N LYS A 403 2.95 -8.92 39.49
CA LYS A 403 3.01 -8.00 40.62
C LYS A 403 2.46 -6.63 40.29
N TRP A 404 1.66 -6.08 41.23
CA TRP A 404 0.99 -4.78 41.10
C TRP A 404 1.08 -3.96 42.40
N ILE A 405 1.03 -2.60 42.28
CA ILE A 405 1.06 -1.69 43.42
C ILE A 405 -0.24 -1.86 44.21
N GLY A 406 -0.11 -2.04 45.51
CA GLY A 406 -1.24 -2.27 46.42
C GLY A 406 -1.69 -3.72 46.41
N GLY A 407 -0.78 -4.60 46.04
CA GLY A 407 -0.99 -6.05 45.97
C GLY A 407 -2.01 -6.57 44.97
N SER A 408 -2.62 -5.67 44.15
CA SER A 408 -3.63 -6.06 43.17
C SER A 408 -3.75 -5.14 41.95
N PRO A 409 -4.18 -5.67 40.77
CA PRO A 409 -4.32 -4.82 39.57
C PRO A 409 -5.43 -3.77 39.73
N PRO A 410 -5.30 -2.57 39.10
CA PRO A 410 -6.36 -1.57 39.25
C PRO A 410 -7.62 -1.93 38.47
N ALA A 411 -8.56 -0.97 38.39
CA ALA A 411 -9.78 -1.16 37.62
C ALA A 411 -9.80 -0.19 36.45
N ASP A 412 -10.65 -0.49 35.46
CA ASP A 412 -10.87 0.24 34.22
C ASP A 412 -11.45 1.65 34.38
N ASP A 413 -12.22 1.93 35.46
CA ASP A 413 -12.85 3.25 35.64
C ASP A 413 -12.59 3.89 37.03
N TYR A 414 -13.44 4.88 37.39
CA TYR A 414 -13.42 5.77 38.55
C TYR A 414 -13.25 5.12 39.94
N LYS A 415 -13.95 3.99 40.24
CA LYS A 415 -13.91 3.27 41.53
C LYS A 415 -12.64 3.57 42.38
N SER B 12 13.94 -1.60 -42.07
CA SER B 12 13.18 -0.82 -41.10
C SER B 12 13.15 -1.57 -39.73
N PRO B 13 14.18 -1.40 -38.89
CA PRO B 13 14.19 -2.11 -37.59
C PRO B 13 13.17 -1.58 -36.58
N PRO B 14 12.57 -2.43 -35.72
CA PRO B 14 11.58 -1.92 -34.78
C PRO B 14 12.16 -1.31 -33.51
N LEU B 15 11.42 -0.37 -32.92
CA LEU B 15 11.68 0.22 -31.62
C LEU B 15 10.45 -0.21 -30.80
N SER B 16 10.56 -1.37 -30.16
CA SER B 16 9.45 -1.99 -29.43
C SER B 16 9.12 -1.31 -28.13
N ILE B 17 7.81 -1.13 -27.90
CA ILE B 17 7.29 -0.51 -26.69
C ILE B 17 6.23 -1.42 -26.07
N MET B 18 6.35 -1.64 -24.77
CA MET B 18 5.41 -2.47 -24.02
C MET B 18 4.20 -1.65 -23.55
N GLY B 19 3.08 -1.81 -24.25
CA GLY B 19 1.82 -1.14 -23.92
C GLY B 19 1.05 -1.94 -22.89
N LEU B 20 0.77 -1.32 -21.74
CA LEU B 20 0.08 -1.97 -20.62
C LEU B 20 -1.16 -1.21 -20.23
N MET B 21 -2.32 -1.84 -20.37
CA MET B 21 -3.57 -1.18 -20.04
C MET B 21 -4.73 -2.16 -20.05
N PRO B 22 -5.84 -1.86 -19.35
CA PRO B 22 -7.01 -2.75 -19.47
C PRO B 22 -7.65 -2.53 -20.84
N LEU B 23 -7.94 -3.63 -21.55
CA LEU B 23 -8.49 -3.55 -22.90
C LEU B 23 -9.84 -4.28 -23.07
N THR B 24 -10.16 -5.23 -22.18
CA THR B 24 -11.38 -6.06 -22.23
C THR B 24 -12.64 -5.32 -21.80
N LYS B 25 -13.74 -5.56 -22.56
CA LYS B 25 -15.11 -5.03 -22.36
C LYS B 25 -15.69 -5.49 -21.01
N GLU B 26 -15.22 -6.67 -20.53
CA GLU B 26 -15.61 -7.27 -19.25
C GLU B 26 -15.07 -6.46 -18.05
N VAL B 27 -13.96 -5.73 -18.25
CA VAL B 27 -13.33 -4.89 -17.22
C VAL B 27 -13.75 -3.42 -17.41
N ALA B 28 -14.34 -2.81 -16.38
CA ALA B 28 -14.86 -1.44 -16.37
C ALA B 28 -13.87 -0.37 -16.85
N LYS B 29 -12.59 -0.43 -16.40
CA LYS B 29 -11.54 0.51 -16.84
C LYS B 29 -10.94 0.12 -18.22
N GLY B 30 -11.53 -0.90 -18.86
CA GLY B 30 -11.22 -1.29 -20.24
C GLY B 30 -11.63 -0.15 -21.18
N SER B 31 -12.59 0.71 -20.72
CA SER B 31 -13.09 1.89 -21.43
C SER B 31 -12.04 2.98 -21.54
N ILE B 32 -11.04 3.00 -20.61
CA ILE B 32 -9.95 4.00 -20.70
C ILE B 32 -8.99 3.55 -21.82
N GLY B 33 -8.54 2.31 -21.75
CA GLY B 33 -7.63 1.69 -22.72
C GLY B 33 -8.17 1.73 -24.14
N ARG B 34 -9.46 1.40 -24.31
CA ARG B 34 -10.11 1.44 -25.64
C ARG B 34 -10.39 2.85 -26.12
N GLY B 35 -10.80 3.72 -25.20
CA GLY B 35 -11.03 5.13 -25.51
C GLY B 35 -9.81 5.89 -25.94
N VAL B 36 -8.59 5.46 -25.49
CA VAL B 36 -7.34 6.19 -25.86
C VAL B 36 -6.65 5.62 -27.10
N LEU B 37 -6.91 4.35 -27.47
CA LEU B 37 -6.27 3.71 -28.63
C LEU B 37 -6.41 4.47 -29.95
N PRO B 38 -7.58 5.05 -30.32
CA PRO B 38 -7.62 5.86 -31.56
C PRO B 38 -6.63 7.03 -31.54
N ALA B 39 -6.42 7.65 -30.35
CA ALA B 39 -5.47 8.75 -30.14
C ALA B 39 -4.05 8.23 -30.33
N VAL B 40 -3.78 7.05 -29.78
CA VAL B 40 -2.46 6.41 -29.90
C VAL B 40 -2.17 6.08 -31.39
N GLU B 41 -3.20 5.55 -32.11
CA GLU B 41 -3.16 5.17 -33.53
C GLU B 41 -2.88 6.39 -34.38
N LEU B 42 -3.50 7.54 -34.04
CA LEU B 42 -3.24 8.78 -34.76
C LEU B 42 -1.82 9.28 -34.60
N ALA B 43 -1.26 9.23 -33.36
CA ALA B 43 0.10 9.71 -33.11
C ALA B 43 1.10 8.80 -33.80
N ILE B 44 0.91 7.46 -33.69
CA ILE B 44 1.78 6.44 -34.29
C ILE B 44 1.87 6.61 -35.81
N GLU B 45 0.70 6.68 -36.47
CA GLU B 45 0.50 6.85 -37.91
C GLU B 45 1.24 8.08 -38.43
N GLN B 46 1.14 9.22 -37.72
CA GLN B 46 1.84 10.44 -38.12
C GLN B 46 3.34 10.28 -38.06
N ILE B 47 3.88 9.91 -36.88
CA ILE B 47 5.32 9.70 -36.63
C ILE B 47 5.94 8.77 -37.72
N ARG B 48 5.20 7.73 -38.12
CA ARG B 48 5.61 6.75 -39.14
C ARG B 48 5.72 7.41 -40.53
N ASN B 49 4.65 8.13 -40.99
CA ASN B 49 4.60 8.85 -42.27
C ASN B 49 5.78 9.82 -42.42
N GLU B 50 6.04 10.60 -41.36
CA GLU B 50 7.09 11.61 -41.30
C GLU B 50 8.49 11.03 -41.17
N SER B 51 8.60 9.70 -40.90
CA SER B 51 9.86 8.95 -40.69
C SER B 51 10.73 9.69 -39.68
N LEU B 52 10.09 10.20 -38.61
CA LEU B 52 10.71 10.97 -37.53
C LEU B 52 11.76 10.13 -36.81
N LEU B 53 11.54 8.79 -36.77
CA LEU B 53 12.44 7.84 -36.13
C LEU B 53 13.30 7.07 -37.15
N ARG B 54 13.38 7.56 -38.41
CA ARG B 54 14.20 6.98 -39.49
C ARG B 54 15.63 6.71 -38.97
N PRO B 55 16.23 5.52 -39.21
CA PRO B 55 15.74 4.38 -40.03
C PRO B 55 14.65 3.51 -39.40
N TYR B 56 14.52 3.56 -38.07
CA TYR B 56 13.60 2.75 -37.27
C TYR B 56 12.13 3.16 -37.41
N PHE B 57 11.26 2.34 -36.81
CA PHE B 57 9.81 2.57 -36.71
C PHE B 57 9.31 2.14 -35.30
N LEU B 58 8.33 2.88 -34.77
CA LEU B 58 7.74 2.62 -33.47
C LEU B 58 6.86 1.37 -33.50
N ASP B 59 7.23 0.40 -32.66
CA ASP B 59 6.57 -0.88 -32.55
C ASP B 59 5.83 -1.02 -31.19
N LEU B 60 4.62 -0.45 -31.10
CA LEU B 60 3.84 -0.56 -29.89
C LEU B 60 3.11 -1.89 -29.83
N ARG B 61 3.47 -2.72 -28.84
CA ARG B 61 2.84 -4.01 -28.61
C ARG B 61 1.86 -3.82 -27.46
N LEU B 62 0.62 -4.32 -27.59
CA LEU B 62 -0.37 -4.15 -26.54
C LEU B 62 -0.59 -5.41 -25.73
N TYR B 63 -0.66 -5.28 -24.39
CA TYR B 63 -0.89 -6.37 -23.44
C TYR B 63 -1.95 -5.89 -22.45
N ASP B 64 -2.97 -6.72 -22.25
CA ASP B 64 -4.09 -6.38 -21.39
C ASP B 64 -3.81 -6.75 -19.92
N THR B 65 -3.80 -5.73 -19.02
CA THR B 65 -3.57 -5.92 -17.59
C THR B 65 -4.84 -6.41 -16.92
N GLU B 66 -6.02 -6.16 -17.56
CA GLU B 66 -7.36 -6.48 -17.05
C GLU B 66 -7.68 -5.76 -15.76
N CYS B 67 -6.92 -4.69 -15.45
CA CYS B 67 -7.10 -3.91 -14.24
C CYS B 67 -7.03 -4.81 -12.98
N ASP B 68 -6.12 -5.77 -12.98
CA ASP B 68 -6.01 -6.76 -11.90
C ASP B 68 -4.53 -6.95 -11.59
N ASN B 69 -4.17 -6.98 -10.31
CA ASN B 69 -2.77 -7.16 -9.87
C ASN B 69 -2.11 -8.42 -10.45
N ALA B 70 -2.71 -9.62 -10.25
CA ALA B 70 -2.19 -10.92 -10.74
C ALA B 70 -2.12 -11.03 -12.27
N LYS B 71 -3.22 -10.72 -12.96
CA LYS B 71 -3.28 -10.71 -14.43
C LYS B 71 -2.36 -9.65 -15.05
N GLY B 72 -2.34 -8.45 -14.43
CA GLY B 72 -1.48 -7.35 -14.86
C GLY B 72 -0.02 -7.73 -14.80
N LEU B 73 0.40 -8.32 -13.66
CA LEU B 73 1.78 -8.80 -13.45
C LEU B 73 2.14 -9.92 -14.44
N LYS B 74 1.21 -10.88 -14.65
CA LYS B 74 1.43 -11.95 -15.63
C LYS B 74 1.52 -11.39 -17.06
N ALA B 75 0.75 -10.34 -17.38
CA ALA B 75 0.80 -9.70 -18.70
C ALA B 75 2.19 -9.08 -18.90
N PHE B 76 2.70 -8.41 -17.84
CA PHE B 76 4.04 -7.82 -17.86
C PHE B 76 5.15 -8.89 -18.05
N TYR B 77 5.10 -9.97 -17.26
CA TYR B 77 6.04 -11.09 -17.29
C TYR B 77 6.03 -11.79 -18.67
N ASP B 78 4.81 -12.09 -19.19
CA ASP B 78 4.65 -12.72 -20.50
C ASP B 78 5.22 -11.87 -21.60
N ALA B 79 5.07 -10.54 -21.50
CA ALA B 79 5.60 -9.57 -22.45
C ALA B 79 7.10 -9.64 -22.48
N ILE B 80 7.76 -9.73 -21.28
CA ILE B 80 9.22 -9.88 -21.19
C ILE B 80 9.68 -11.26 -21.79
N LYS B 81 9.00 -12.35 -21.42
CA LYS B 81 9.35 -13.71 -21.84
C LYS B 81 9.19 -13.97 -23.35
N TYR B 82 7.98 -13.74 -23.89
CA TYR B 82 7.61 -14.06 -25.28
C TYR B 82 7.54 -12.89 -26.24
N GLY B 83 7.54 -11.67 -25.70
CA GLY B 83 7.46 -10.48 -26.53
C GLY B 83 8.81 -10.05 -27.07
N PRO B 84 8.82 -9.02 -27.95
CA PRO B 84 10.10 -8.51 -28.47
C PRO B 84 10.85 -7.77 -27.35
N ASN B 85 12.09 -7.35 -27.58
CA ASN B 85 12.84 -6.61 -26.56
C ASN B 85 12.34 -5.16 -26.47
N HIS B 86 11.41 -4.90 -25.55
CA HIS B 86 10.82 -3.55 -25.37
C HIS B 86 11.81 -2.58 -24.77
N LEU B 87 11.83 -1.33 -25.28
CA LEU B 87 12.76 -0.30 -24.79
C LEU B 87 12.14 0.49 -23.65
N MET B 88 10.81 0.52 -23.59
CA MET B 88 10.10 1.17 -22.50
C MET B 88 8.66 0.68 -22.40
N VAL B 89 8.00 1.05 -21.30
CA VAL B 89 6.62 0.70 -20.96
C VAL B 89 5.75 1.92 -21.19
N PHE B 90 4.62 1.72 -21.83
CA PHE B 90 3.69 2.80 -22.11
C PHE B 90 2.37 2.39 -21.53
N GLY B 91 1.91 3.13 -20.53
CA GLY B 91 0.66 2.78 -19.88
C GLY B 91 0.74 2.57 -18.38
N GLY B 92 -0.19 1.75 -17.89
CA GLY B 92 -0.45 1.56 -16.48
C GLY B 92 -1.58 2.53 -16.21
N VAL B 93 -2.77 2.00 -15.96
CA VAL B 93 -3.97 2.79 -15.78
C VAL B 93 -4.47 2.63 -14.35
N CYS B 94 -4.73 1.39 -13.93
CA CYS B 94 -5.24 1.12 -12.60
C CYS B 94 -4.13 1.26 -11.52
N PRO B 95 -4.44 1.98 -10.42
CA PRO B 95 -3.39 2.37 -9.45
C PRO B 95 -2.61 1.24 -8.78
N SER B 96 -3.26 0.11 -8.41
CA SER B 96 -2.53 -0.93 -7.71
C SER B 96 -1.66 -1.73 -8.68
N VAL B 97 -2.11 -1.92 -9.93
CA VAL B 97 -1.36 -2.63 -11.00
C VAL B 97 -0.13 -1.77 -11.37
N THR B 98 -0.35 -0.45 -11.62
CA THR B 98 0.71 0.47 -12.02
C THR B 98 1.81 0.55 -10.93
N SER B 99 1.42 0.58 -9.61
CA SER B 99 2.37 0.60 -8.50
C SER B 99 3.27 -0.62 -8.50
N ILE B 100 2.71 -1.80 -8.75
CA ILE B 100 3.47 -3.06 -8.83
C ILE B 100 4.50 -3.03 -9.97
N ILE B 101 4.05 -2.68 -11.18
CA ILE B 101 4.96 -2.64 -12.32
C ILE B 101 5.99 -1.53 -12.14
N ALA B 102 5.55 -0.31 -11.76
CA ALA B 102 6.41 0.85 -11.58
C ALA B 102 7.56 0.62 -10.57
N GLU B 103 7.25 -0.10 -9.49
CA GLU B 103 8.24 -0.35 -8.45
C GLU B 103 9.38 -1.29 -8.90
N SER B 104 9.07 -2.17 -9.84
CA SER B 104 10.00 -3.19 -10.33
C SER B 104 10.80 -2.81 -11.55
N LEU B 105 10.49 -1.67 -12.15
CA LEU B 105 11.04 -1.23 -13.44
C LEU B 105 12.54 -1.36 -13.61
N GLN B 106 13.33 -0.98 -12.60
CA GLN B 106 14.79 -1.00 -12.59
C GLN B 106 15.38 -2.43 -12.79
N GLY B 107 14.60 -3.45 -12.43
CA GLY B 107 14.98 -4.86 -12.62
C GLY B 107 15.15 -5.21 -14.09
N TRP B 108 14.48 -4.49 -14.98
CA TRP B 108 14.58 -4.70 -16.41
C TRP B 108 15.02 -3.43 -17.14
N ASN B 109 15.54 -2.41 -16.41
CA ASN B 109 16.04 -1.14 -16.98
C ASN B 109 15.03 -0.47 -17.95
N LEU B 110 13.73 -0.61 -17.60
CA LEU B 110 12.60 -0.10 -18.38
C LEU B 110 12.05 1.22 -17.82
N VAL B 111 12.08 2.27 -18.65
CA VAL B 111 11.48 3.55 -18.32
C VAL B 111 9.98 3.38 -18.64
N GLN B 112 9.10 3.84 -17.73
CA GLN B 112 7.67 3.78 -17.96
C GLN B 112 7.07 5.17 -18.07
N LEU B 113 6.16 5.34 -19.05
CA LEU B 113 5.40 6.56 -19.21
C LEU B 113 3.90 6.22 -19.14
N SER B 114 3.22 6.72 -18.14
CA SER B 114 1.78 6.50 -17.99
C SER B 114 0.99 7.70 -18.54
N PHE B 115 -0.24 7.49 -18.98
CA PHE B 115 -1.08 8.59 -19.45
C PHE B 115 -2.34 8.68 -18.59
N ALA B 116 -2.57 7.73 -17.65
CA ALA B 116 -3.81 7.70 -16.88
C ALA B 116 -3.69 7.40 -15.39
N ALA B 117 -2.51 6.95 -14.90
CA ALA B 117 -2.39 6.64 -13.49
C ALA B 117 -2.15 7.95 -12.71
N THR B 118 -3.11 8.39 -11.92
CA THR B 118 -3.04 9.71 -11.25
C THR B 118 -2.72 9.64 -9.73
N THR B 119 -2.56 8.43 -9.20
CA THR B 119 -2.30 8.26 -7.77
C THR B 119 -1.01 8.97 -7.36
N PRO B 120 -1.10 9.84 -6.34
CA PRO B 120 0.08 10.62 -5.91
C PRO B 120 1.29 9.81 -5.46
N VAL B 121 1.03 8.59 -4.96
CA VAL B 121 2.02 7.60 -4.49
C VAL B 121 3.19 7.45 -5.49
N LEU B 122 2.88 7.48 -6.81
CA LEU B 122 3.86 7.32 -7.89
C LEU B 122 4.90 8.45 -7.98
N ALA B 123 4.65 9.62 -7.34
CA ALA B 123 5.63 10.74 -7.31
C ALA B 123 6.87 10.40 -6.47
N ASP B 124 6.81 9.33 -5.65
CA ASP B 124 7.95 8.94 -4.80
C ASP B 124 9.08 8.35 -5.66
N LYS B 125 10.10 9.16 -5.99
CA LYS B 125 11.19 8.70 -6.84
C LYS B 125 12.20 7.79 -6.12
N LYS B 126 12.01 7.52 -4.81
CA LYS B 126 12.85 6.54 -4.08
C LYS B 126 12.33 5.15 -4.42
N LYS B 127 10.99 5.00 -4.50
CA LYS B 127 10.26 3.77 -4.78
C LYS B 127 10.05 3.56 -6.29
N TYR B 128 9.70 4.63 -7.03
CA TYR B 128 9.39 4.58 -8.46
C TYR B 128 10.34 5.48 -9.32
N PRO B 129 11.68 5.28 -9.29
CA PRO B 129 12.59 6.17 -10.04
C PRO B 129 12.46 6.17 -11.57
N TYR B 130 12.02 5.05 -12.17
CA TYR B 130 11.94 4.91 -13.64
C TYR B 130 10.56 5.25 -14.24
N PHE B 131 9.65 5.74 -13.39
CA PHE B 131 8.28 6.08 -13.74
C PHE B 131 8.10 7.55 -14.02
N PHE B 132 7.43 7.82 -15.15
CA PHE B 132 6.99 9.14 -15.65
C PHE B 132 5.51 9.08 -16.00
N ARG B 133 4.85 10.23 -15.98
CA ARG B 133 3.46 10.33 -16.39
C ARG B 133 3.12 11.69 -17.03
N THR B 134 2.38 11.67 -18.15
CA THR B 134 1.93 12.90 -18.85
C THR B 134 0.72 13.49 -18.18
N VAL B 135 0.04 12.72 -17.33
CA VAL B 135 -1.14 13.24 -16.66
C VAL B 135 -0.83 13.82 -15.29
N PRO B 136 -1.41 14.99 -14.91
CA PRO B 136 -1.20 15.46 -13.53
C PRO B 136 -1.84 14.50 -12.52
N SER B 137 -1.24 14.42 -11.33
CA SER B 137 -1.74 13.53 -10.30
C SER B 137 -2.90 14.15 -9.57
N ASP B 138 -3.62 13.35 -8.74
CA ASP B 138 -4.73 13.84 -7.93
C ASP B 138 -4.30 15.05 -7.04
N ASN B 139 -3.02 15.13 -6.65
CA ASN B 139 -2.48 16.23 -5.81
C ASN B 139 -2.26 17.52 -6.56
N ALA B 140 -2.09 17.45 -7.90
CA ALA B 140 -1.84 18.64 -8.75
C ALA B 140 -2.95 19.74 -8.69
N VAL B 141 -4.12 19.43 -8.08
CA VAL B 141 -5.18 20.41 -7.91
C VAL B 141 -4.84 21.40 -6.75
N ASN B 142 -4.05 20.96 -5.74
CA ASN B 142 -3.68 21.72 -4.55
C ASN B 142 -2.89 23.01 -4.89
N PRO B 143 -1.81 23.00 -5.74
CA PRO B 143 -1.20 24.28 -6.15
C PRO B 143 -2.19 25.21 -6.90
N ALA B 144 -3.13 24.63 -7.70
CA ALA B 144 -4.17 25.42 -8.39
C ALA B 144 -5.13 26.09 -7.36
N ILE B 145 -5.59 25.33 -6.35
CA ILE B 145 -6.51 25.83 -5.32
C ILE B 145 -5.84 26.99 -4.54
N LEU B 146 -4.54 26.85 -4.17
CA LEU B 146 -3.79 27.90 -3.48
C LEU B 146 -3.90 29.22 -4.28
N LYS B 147 -3.60 29.19 -5.58
CA LYS B 147 -3.75 30.35 -6.46
C LYS B 147 -5.18 30.88 -6.47
N LEU B 148 -6.22 29.99 -6.45
CA LEU B 148 -7.61 30.44 -6.40
C LEU B 148 -7.89 31.19 -5.07
N LEU B 149 -7.43 30.63 -3.94
CA LEU B 149 -7.57 31.23 -2.62
C LEU B 149 -6.89 32.63 -2.59
N LYS B 150 -5.62 32.70 -3.05
CA LYS B 150 -4.86 33.96 -3.14
C LYS B 150 -5.56 34.99 -4.04
N HIS B 151 -6.12 34.52 -5.16
CA HIS B 151 -6.84 35.39 -6.08
C HIS B 151 -8.01 36.11 -5.43
N TYR B 152 -8.81 35.37 -4.66
CA TYR B 152 -10.02 35.91 -4.05
C TYR B 152 -9.84 36.38 -2.61
N GLN B 153 -8.60 36.39 -2.10
CA GLN B 153 -8.25 36.84 -0.75
C GLN B 153 -8.97 36.02 0.35
N TRP B 154 -8.95 34.67 0.19
CA TRP B 154 -9.49 33.70 1.13
C TRP B 154 -8.28 33.18 1.88
N LYS B 155 -8.15 33.59 3.13
CA LYS B 155 -7.01 33.34 4.01
C LYS B 155 -7.36 32.33 5.08
N ARG B 156 -8.65 31.97 5.17
CA ARG B 156 -9.13 31.02 6.16
C ARG B 156 -10.03 30.02 5.45
N VAL B 157 -9.74 28.73 5.65
CA VAL B 157 -10.53 27.67 5.02
C VAL B 157 -10.85 26.57 5.98
N GLY B 158 -11.85 25.79 5.62
CA GLY B 158 -12.19 24.54 6.30
C GLY B 158 -11.99 23.39 5.33
N THR B 159 -11.76 22.18 5.85
CA THR B 159 -11.61 21.00 4.99
C THR B 159 -12.62 19.92 5.39
N LEU B 160 -13.21 19.29 4.38
CA LEU B 160 -14.13 18.17 4.49
C LEU B 160 -13.60 17.03 3.57
N THR B 161 -13.09 15.95 4.20
CA THR B 161 -12.45 14.84 3.51
C THR B 161 -13.09 13.48 3.87
N GLN B 162 -13.35 12.66 2.85
CA GLN B 162 -13.82 11.29 3.01
C GLN B 162 -12.60 10.43 3.44
N ASP B 163 -12.82 9.55 4.43
CA ASP B 163 -11.81 8.65 5.00
C ASP B 163 -11.56 7.42 4.13
N VAL B 164 -10.93 7.65 2.96
CA VAL B 164 -10.56 6.71 1.91
C VAL B 164 -9.22 7.25 1.37
N GLN B 165 -8.23 6.37 1.10
CA GLN B 165 -6.89 6.75 0.69
C GLN B 165 -6.81 7.80 -0.45
N ARG B 166 -7.63 7.65 -1.50
CA ARG B 166 -7.72 8.54 -2.67
C ARG B 166 -7.87 10.02 -2.25
N PHE B 167 -8.67 10.27 -1.20
CA PHE B 167 -8.98 11.60 -0.70
C PHE B 167 -8.06 12.09 0.40
N SER B 168 -7.69 11.20 1.33
CA SER B 168 -6.81 11.54 2.45
C SER B 168 -5.39 11.84 1.95
N GLU B 169 -5.01 11.27 0.81
CA GLU B 169 -3.73 11.60 0.20
C GLU B 169 -3.72 13.08 -0.19
N VAL B 170 -4.82 13.52 -0.83
CA VAL B 170 -4.98 14.88 -1.30
C VAL B 170 -4.99 15.88 -0.15
N ARG B 171 -5.72 15.59 0.92
CA ARG B 171 -5.79 16.47 2.10
C ARG B 171 -4.43 16.61 2.75
N ASN B 172 -3.70 15.48 2.86
CA ASN B 172 -2.36 15.42 3.45
C ASN B 172 -1.39 16.30 2.66
N ASP B 173 -1.49 16.29 1.31
CA ASP B 173 -0.64 17.13 0.47
C ASP B 173 -1.01 18.61 0.62
N LEU B 174 -2.30 18.92 0.84
CA LEU B 174 -2.75 20.30 0.99
C LEU B 174 -1.97 21.02 2.14
N THR B 175 -1.70 20.30 3.27
CA THR B 175 -0.95 20.79 4.43
C THR B 175 0.39 21.44 4.01
N GLY B 176 1.21 20.68 3.26
CA GLY B 176 2.48 21.15 2.74
C GLY B 176 2.37 22.29 1.75
N VAL B 177 1.30 22.31 0.94
CA VAL B 177 1.07 23.36 -0.09
C VAL B 177 0.67 24.70 0.59
N LEU B 178 -0.12 24.63 1.69
CA LEU B 178 -0.59 25.82 2.41
C LEU B 178 0.40 26.30 3.50
N TYR B 179 1.44 25.52 3.81
CA TYR B 179 2.46 25.91 4.77
C TYR B 179 3.30 27.05 4.18
N GLY B 180 3.59 28.06 4.99
CA GLY B 180 4.37 29.21 4.56
C GLY B 180 3.61 30.17 3.65
N GLU B 181 2.28 29.98 3.56
CA GLU B 181 1.38 30.81 2.79
C GLU B 181 0.46 31.43 3.86
N ASP B 182 -0.15 32.56 3.56
CA ASP B 182 -0.94 33.21 4.59
C ASP B 182 -2.38 32.65 4.61
N ILE B 183 -2.50 31.30 4.73
CA ILE B 183 -3.78 30.59 4.72
C ILE B 183 -3.87 29.63 5.88
N GLU B 184 -4.86 29.87 6.74
CA GLU B 184 -5.18 29.09 7.93
C GLU B 184 -6.24 28.02 7.62
N ILE B 185 -6.03 26.77 8.09
CA ILE B 185 -7.04 25.72 7.97
C ILE B 185 -7.67 25.70 9.35
N SER B 186 -8.69 26.51 9.54
CA SER B 186 -9.34 26.69 10.84
C SER B 186 -10.05 25.45 11.37
N ASP B 187 -10.51 24.56 10.45
CA ASP B 187 -11.22 23.36 10.85
C ASP B 187 -11.01 22.21 9.85
N THR B 188 -10.51 21.07 10.34
CA THR B 188 -10.24 19.84 9.58
C THR B 188 -11.22 18.77 10.06
N GLU B 189 -12.14 18.35 9.16
CA GLU B 189 -13.15 17.35 9.45
C GLU B 189 -13.06 16.21 8.46
N SER B 190 -13.23 14.98 8.98
CA SER B 190 -13.21 13.70 8.25
C SER B 190 -14.53 12.95 8.46
N PHE B 191 -14.91 12.08 7.50
CA PHE B 191 -16.10 11.24 7.61
C PHE B 191 -15.89 9.94 6.85
N SER B 192 -16.65 8.89 7.22
CA SER B 192 -16.58 7.60 6.52
C SER B 192 -17.81 7.34 5.65
N ASN B 193 -19.02 7.36 6.26
CA ASN B 193 -20.29 7.08 5.56
C ASN B 193 -21.26 8.25 5.55
N ASP B 194 -21.32 9.06 6.63
CA ASP B 194 -22.25 10.18 6.74
C ASP B 194 -21.54 11.50 7.06
N PRO B 195 -21.58 12.49 6.13
CA PRO B 195 -20.84 13.74 6.35
C PRO B 195 -21.50 14.80 7.25
N CYS B 196 -22.78 14.62 7.60
CA CYS B 196 -23.61 15.58 8.35
C CYS B 196 -23.01 16.07 9.67
N THR B 197 -22.43 15.17 10.48
CA THR B 197 -21.79 15.51 11.76
C THR B 197 -20.65 16.50 11.50
N SER B 198 -19.78 16.17 10.53
CA SER B 198 -18.65 16.99 10.12
C SER B 198 -19.09 18.33 9.51
N VAL B 199 -20.19 18.33 8.73
CA VAL B 199 -20.76 19.53 8.09
C VAL B 199 -21.31 20.46 9.19
N LYS B 200 -21.95 19.89 10.24
CA LYS B 200 -22.46 20.66 11.39
C LYS B 200 -21.27 21.26 12.17
N LYS B 201 -20.17 20.50 12.35
CA LYS B 201 -18.96 21.02 13.01
C LYS B 201 -18.39 22.22 12.22
N LEU B 202 -18.34 22.11 10.88
CA LEU B 202 -17.86 23.20 10.01
C LEU B 202 -18.69 24.46 10.20
N LYS B 203 -20.04 24.30 10.20
CA LYS B 203 -21.00 25.37 10.40
C LYS B 203 -20.78 26.04 11.76
N GLY B 204 -20.69 25.21 12.81
CA GLY B 204 -20.43 25.61 14.18
C GLY B 204 -19.15 26.41 14.39
N ASN B 205 -18.10 26.10 13.60
CA ASN B 205 -16.80 26.78 13.65
C ASN B 205 -16.77 28.00 12.72
N ASP B 206 -17.93 28.31 12.11
CA ASP B 206 -18.20 29.44 11.22
C ASP B 206 -17.31 29.44 9.95
N VAL B 207 -16.99 28.25 9.43
CA VAL B 207 -16.21 28.08 8.20
C VAL B 207 -17.05 28.60 7.00
N ARG B 208 -16.41 29.38 6.11
CA ARG B 208 -17.09 29.93 4.92
C ARG B 208 -16.56 29.30 3.63
N ILE B 209 -15.22 29.08 3.52
CA ILE B 209 -14.59 28.50 2.33
C ILE B 209 -14.23 27.04 2.67
N ILE B 210 -14.88 26.05 2.01
CA ILE B 210 -14.67 24.62 2.29
C ILE B 210 -13.95 23.91 1.14
N LEU B 211 -12.83 23.23 1.45
CA LEU B 211 -12.10 22.45 0.46
C LEU B 211 -12.53 20.99 0.68
N GLY B 212 -13.36 20.50 -0.23
CA GLY B 212 -13.92 19.16 -0.18
C GLY B 212 -13.15 18.15 -1.00
N GLN B 213 -12.95 16.97 -0.41
CA GLN B 213 -12.33 15.82 -1.07
C GLN B 213 -13.13 14.55 -0.73
N PHE B 214 -14.06 14.15 -1.62
CA PHE B 214 -14.95 13.00 -1.42
C PHE B 214 -15.46 12.51 -2.77
N ASP B 215 -15.97 11.25 -2.84
CA ASP B 215 -16.47 10.70 -4.09
C ASP B 215 -17.84 11.28 -4.47
N GLN B 216 -18.25 11.06 -5.72
CA GLN B 216 -19.53 11.46 -6.34
C GLN B 216 -20.75 11.08 -5.45
N ASN B 217 -20.76 9.84 -4.90
CA ASN B 217 -21.83 9.37 -4.02
C ASN B 217 -21.90 10.19 -2.73
N MET B 218 -20.75 10.49 -2.13
CA MET B 218 -20.73 11.28 -0.90
C MET B 218 -21.05 12.75 -1.13
N ALA B 219 -20.74 13.29 -2.32
CA ALA B 219 -21.02 14.68 -2.68
C ALA B 219 -22.49 15.04 -2.55
N ALA B 220 -23.41 14.17 -3.00
CA ALA B 220 -24.87 14.42 -2.89
C ALA B 220 -25.28 14.48 -1.42
N LYS B 221 -24.65 13.66 -0.57
CA LYS B 221 -24.87 13.63 0.87
C LYS B 221 -24.32 14.90 1.51
N VAL B 222 -23.09 15.32 1.11
CA VAL B 222 -22.48 16.55 1.58
C VAL B 222 -23.41 17.74 1.29
N PHE B 223 -23.89 17.86 0.05
CA PHE B 223 -24.74 19.00 -0.35
C PHE B 223 -26.13 18.99 0.29
N CYS B 224 -26.63 17.80 0.67
CA CYS B 224 -27.89 17.69 1.38
C CYS B 224 -27.71 18.22 2.81
N CYS B 225 -26.60 17.82 3.47
CA CYS B 225 -26.22 18.32 4.81
C CYS B 225 -25.99 19.84 4.77
N ALA B 226 -25.39 20.37 3.68
CA ALA B 226 -25.13 21.81 3.49
C ALA B 226 -26.45 22.57 3.40
N TYR B 227 -27.47 22.01 2.70
CA TYR B 227 -28.80 22.62 2.60
C TYR B 227 -29.44 22.71 3.99
N GLU B 228 -29.39 21.61 4.77
CA GLU B 228 -29.96 21.51 6.11
C GLU B 228 -29.29 22.41 7.13
N GLU B 229 -27.98 22.65 6.96
CA GLU B 229 -27.19 23.49 7.88
C GLU B 229 -27.07 24.93 7.34
N ASN B 230 -27.74 25.24 6.21
CA ASN B 230 -27.72 26.52 5.53
C ASN B 230 -26.28 26.99 5.16
N MET B 231 -25.40 26.02 4.82
CA MET B 231 -24.02 26.27 4.40
C MET B 231 -23.96 26.42 2.88
N TYR B 232 -24.76 27.34 2.33
CA TYR B 232 -24.81 27.64 0.90
C TYR B 232 -25.26 29.09 0.69
N GLY B 233 -25.10 29.58 -0.54
CA GLY B 233 -25.46 30.94 -0.91
C GLY B 233 -24.28 31.90 -0.87
N SER B 234 -24.59 33.19 -0.86
CA SER B 234 -23.65 34.30 -0.89
C SER B 234 -22.49 34.26 0.15
N LYS B 235 -22.71 33.64 1.30
CA LYS B 235 -21.68 33.60 2.33
C LYS B 235 -20.71 32.40 2.22
N TYR B 236 -21.02 31.44 1.32
CA TYR B 236 -20.25 30.20 1.21
C TYR B 236 -19.68 29.87 -0.14
N GLN B 237 -18.48 29.27 -0.12
CA GLN B 237 -17.79 28.75 -1.31
C GLN B 237 -17.26 27.33 -1.07
N TRP B 238 -17.85 26.35 -1.78
CA TRP B 238 -17.43 24.95 -1.77
C TRP B 238 -16.52 24.75 -2.95
N ILE B 239 -15.35 24.17 -2.71
CA ILE B 239 -14.33 23.86 -3.71
C ILE B 239 -14.15 22.36 -3.62
N ILE B 240 -14.60 21.63 -4.64
CA ILE B 240 -14.64 20.17 -4.56
C ILE B 240 -14.04 19.49 -5.83
N PRO B 241 -13.95 18.12 -5.90
CA PRO B 241 -13.47 17.48 -7.14
C PRO B 241 -14.29 17.86 -8.38
N GLY B 242 -13.60 18.01 -9.51
CA GLY B 242 -14.22 18.35 -10.79
C GLY B 242 -14.33 17.19 -11.78
N TRP B 243 -14.07 15.98 -11.29
CA TRP B 243 -14.04 14.78 -12.12
C TRP B 243 -15.32 13.92 -12.06
N TYR B 244 -16.38 14.39 -11.41
CA TYR B 244 -17.61 13.60 -11.34
C TYR B 244 -18.28 13.48 -12.73
N GLU B 245 -19.10 12.45 -12.91
CA GLU B 245 -19.83 12.24 -14.18
C GLU B 245 -20.89 13.33 -14.39
N PRO B 246 -21.26 13.69 -15.64
CA PRO B 246 -22.31 14.70 -15.81
C PRO B 246 -23.64 14.21 -15.22
N SER B 247 -24.46 15.13 -14.67
CA SER B 247 -25.76 14.85 -14.03
C SER B 247 -25.63 13.87 -12.85
N TRP B 248 -24.44 13.86 -12.20
CA TRP B 248 -24.09 12.99 -11.08
C TRP B 248 -25.07 13.07 -9.91
N TRP B 249 -25.75 14.22 -9.76
CA TRP B 249 -26.69 14.51 -8.67
C TRP B 249 -28.06 13.88 -8.89
N GLU B 250 -28.50 13.81 -10.17
CA GLU B 250 -29.77 13.24 -10.62
C GLU B 250 -29.86 11.75 -10.35
N GLN B 251 -28.78 11.01 -10.67
CA GLN B 251 -28.63 9.55 -10.52
C GLN B 251 -29.14 8.99 -9.19
N SER B 259 -31.16 11.06 1.13
CA SER B 259 -32.51 10.49 1.05
C SER B 259 -33.57 11.51 1.54
N ARG B 260 -33.22 12.31 2.55
CA ARG B 260 -34.13 13.32 3.10
C ARG B 260 -34.30 14.60 2.24
N CYS B 261 -33.28 14.98 1.45
CA CYS B 261 -33.37 16.19 0.62
C CYS B 261 -34.16 16.01 -0.65
N LEU B 262 -34.72 17.12 -1.15
CA LEU B 262 -35.38 17.19 -2.43
C LEU B 262 -34.33 17.67 -3.46
N ARG B 263 -34.50 17.28 -4.74
CA ARG B 263 -33.60 17.62 -5.84
C ARG B 263 -33.41 19.13 -5.98
N LYS B 264 -34.49 19.92 -5.79
CA LYS B 264 -34.44 21.38 -5.83
C LYS B 264 -33.57 21.97 -4.68
N ASN B 265 -33.60 21.30 -3.52
CA ASN B 265 -32.87 21.69 -2.32
C ASN B 265 -31.39 21.33 -2.42
N LEU B 266 -31.09 20.22 -3.12
CA LEU B 266 -29.73 19.76 -3.39
C LEU B 266 -29.06 20.73 -4.36
N LEU B 267 -29.79 21.10 -5.43
CA LEU B 267 -29.35 22.05 -6.46
C LEU B 267 -29.11 23.46 -5.90
N ALA B 268 -29.93 23.89 -4.91
CA ALA B 268 -29.81 25.19 -4.24
C ALA B 268 -28.52 25.25 -3.40
N ALA B 269 -28.17 24.12 -2.77
CA ALA B 269 -26.94 23.99 -1.99
C ALA B 269 -25.69 23.80 -2.88
N MET B 270 -25.86 23.18 -4.08
CA MET B 270 -24.81 22.92 -5.08
C MET B 270 -24.45 24.17 -5.85
N GLU B 271 -25.42 25.12 -5.99
CA GLU B 271 -25.24 26.37 -6.74
C GLU B 271 -23.96 27.10 -6.37
N GLY B 272 -23.11 27.26 -7.37
CA GLY B 272 -21.88 28.01 -7.26
C GLY B 272 -20.65 27.23 -6.85
N TYR B 273 -20.77 25.91 -6.57
CA TYR B 273 -19.59 25.13 -6.17
C TYR B 273 -18.52 25.17 -7.24
N ILE B 274 -17.25 25.22 -6.83
CA ILE B 274 -16.15 25.22 -7.80
C ILE B 274 -15.59 23.78 -7.89
N GLY B 275 -15.48 23.25 -9.10
CA GLY B 275 -14.94 21.91 -9.32
C GLY B 275 -13.52 22.07 -9.83
N VAL B 276 -12.59 21.17 -9.42
CA VAL B 276 -11.19 21.26 -9.84
C VAL B 276 -10.73 19.91 -10.36
N ASP B 277 -10.09 19.87 -11.55
CA ASP B 277 -9.58 18.61 -12.12
C ASP B 277 -8.57 18.99 -13.18
N PHE B 278 -7.81 18.02 -13.74
CA PHE B 278 -6.85 18.35 -14.81
C PHE B 278 -7.62 18.76 -16.07
N GLU B 279 -6.99 19.56 -16.93
CA GLU B 279 -7.57 19.99 -18.18
C GLU B 279 -7.39 18.87 -19.24
N PRO B 280 -8.47 18.27 -19.80
CA PRO B 280 -8.29 17.21 -20.83
C PRO B 280 -7.47 17.63 -22.06
N LEU B 281 -7.70 18.85 -22.62
CA LEU B 281 -6.98 19.39 -23.79
C LEU B 281 -6.73 20.88 -23.66
N SER B 282 -5.67 21.39 -24.31
CA SER B 282 -5.33 22.82 -24.33
C SER B 282 -6.43 23.66 -25.01
N SER B 283 -6.74 24.84 -24.45
CA SER B 283 -7.76 25.74 -25.01
C SER B 283 -7.08 26.77 -25.94
N LYS B 284 -5.74 26.71 -26.04
CA LYS B 284 -4.94 27.59 -26.90
C LYS B 284 -5.04 27.14 -28.36
N GLN B 285 -5.49 28.02 -29.25
CA GLN B 285 -5.61 27.69 -30.68
C GLN B 285 -4.26 27.87 -31.39
N ILE B 286 -3.23 27.18 -30.89
CA ILE B 286 -1.86 27.25 -31.40
C ILE B 286 -1.45 25.86 -31.92
N LYS B 287 -0.66 25.81 -33.00
CA LYS B 287 -0.16 24.56 -33.59
C LYS B 287 0.74 23.83 -32.56
N THR B 288 0.55 22.52 -32.38
CA THR B 288 1.36 21.73 -31.43
C THR B 288 2.50 21.06 -32.25
N ILE B 289 3.34 20.23 -31.57
CA ILE B 289 4.45 19.50 -32.19
C ILE B 289 4.02 18.73 -33.46
N SER B 290 2.77 18.27 -33.56
CA SER B 290 2.29 17.53 -34.73
C SER B 290 1.86 18.41 -35.92
N GLY B 291 1.85 19.73 -35.75
CA GLY B 291 1.37 20.64 -36.79
C GLY B 291 -0.10 20.96 -36.65
N LYS B 292 -0.81 20.22 -35.80
CA LYS B 292 -2.22 20.42 -35.58
C LYS B 292 -2.47 21.21 -34.30
N THR B 293 -3.54 22.02 -34.29
CA THR B 293 -3.95 22.76 -33.08
C THR B 293 -4.66 21.71 -32.19
N PRO B 294 -4.83 21.93 -30.86
CA PRO B 294 -5.55 20.93 -30.04
C PRO B 294 -6.94 20.65 -30.58
N GLN B 295 -7.62 21.68 -31.17
CA GLN B 295 -8.98 21.60 -31.71
C GLN B 295 -9.04 20.72 -32.95
N GLN B 296 -8.06 20.88 -33.86
CA GLN B 296 -7.90 20.05 -35.07
C GLN B 296 -7.63 18.58 -34.67
N TYR B 297 -6.77 18.37 -33.64
CA TYR B 297 -6.51 17.03 -33.13
C TYR B 297 -7.80 16.42 -32.58
N GLU B 298 -8.55 17.21 -31.78
CA GLU B 298 -9.80 16.71 -31.20
C GLU B 298 -10.81 16.19 -32.26
N ARG B 299 -10.91 16.91 -33.43
CA ARG B 299 -11.78 16.54 -34.57
C ARG B 299 -11.26 15.24 -35.21
N GLU B 300 -9.95 15.13 -35.42
CA GLU B 300 -9.33 13.91 -35.94
C GLU B 300 -9.54 12.70 -35.03
N TYR B 301 -9.52 12.92 -33.69
CA TYR B 301 -9.72 11.87 -32.69
C TYR B 301 -11.15 11.42 -32.71
N ASN B 302 -12.09 12.38 -32.74
CA ASN B 302 -13.53 12.08 -32.75
C ASN B 302 -13.98 11.30 -34.00
N ASN B 303 -13.32 11.57 -35.15
CA ASN B 303 -13.58 10.86 -36.40
C ASN B 303 -13.04 9.44 -36.29
N LYS B 304 -11.75 9.30 -35.89
CA LYS B 304 -11.06 8.01 -35.75
C LYS B 304 -11.68 7.05 -34.73
N ARG B 305 -12.28 7.57 -33.64
CA ARG B 305 -12.80 6.71 -32.59
C ARG B 305 -14.04 5.89 -32.98
N SER B 306 -14.82 6.37 -33.98
CA SER B 306 -16.03 5.69 -34.45
C SER B 306 -17.01 5.41 -33.28
N GLY B 307 -17.39 4.16 -33.09
CA GLY B 307 -18.30 3.77 -32.01
C GLY B 307 -17.66 3.73 -30.63
N VAL B 308 -16.31 3.78 -30.52
CA VAL B 308 -15.68 3.67 -29.19
C VAL B 308 -15.88 5.00 -28.39
N GLY B 309 -16.43 4.86 -27.19
CA GLY B 309 -16.72 5.97 -26.27
C GLY B 309 -15.49 6.80 -25.97
N PRO B 310 -15.57 8.14 -26.01
CA PRO B 310 -14.36 8.93 -25.75
C PRO B 310 -13.82 8.81 -24.32
N SER B 311 -12.53 9.09 -24.15
CA SER B 311 -11.89 9.09 -22.83
C SER B 311 -11.19 10.43 -22.62
N LYS B 312 -11.35 11.01 -21.44
CA LYS B 312 -10.69 12.24 -21.05
C LYS B 312 -9.15 12.14 -21.01
N PHE B 313 -8.58 10.91 -21.08
CA PHE B 313 -7.14 10.70 -21.10
C PHE B 313 -6.55 10.63 -22.51
N HIS B 314 -7.39 10.80 -23.57
CA HIS B 314 -6.93 10.60 -24.96
C HIS B 314 -5.80 11.53 -25.37
N GLY B 315 -5.88 12.81 -24.99
CA GLY B 315 -4.83 13.78 -25.28
C GLY B 315 -3.54 13.43 -24.55
N TYR B 316 -3.65 12.89 -23.33
CA TYR B 316 -2.53 12.46 -22.50
C TYR B 316 -1.86 11.25 -23.12
N ALA B 317 -2.68 10.36 -23.72
CA ALA B 317 -2.16 9.19 -24.44
C ALA B 317 -1.47 9.62 -25.76
N TYR B 318 -2.09 10.56 -26.52
CA TYR B 318 -1.55 11.14 -27.76
C TYR B 318 -0.20 11.81 -27.49
N ASP B 319 -0.14 12.72 -26.50
CA ASP B 319 1.09 13.38 -26.12
C ASP B 319 2.16 12.41 -25.61
N GLY B 320 1.70 11.34 -24.93
CA GLY B 320 2.56 10.27 -24.42
C GLY B 320 3.35 9.61 -25.54
N ILE B 321 2.67 9.30 -26.69
CA ILE B 321 3.36 8.70 -27.84
C ILE B 321 4.48 9.63 -28.36
N TRP B 322 4.17 10.94 -28.47
CA TRP B 322 5.11 11.98 -28.87
C TRP B 322 6.29 12.10 -27.87
N VAL B 323 6.02 11.96 -26.56
CA VAL B 323 7.08 11.96 -25.54
C VAL B 323 8.04 10.79 -25.81
N ILE B 324 7.52 9.61 -26.14
CA ILE B 324 8.32 8.41 -26.41
C ILE B 324 9.18 8.59 -27.67
N ALA B 325 8.57 9.03 -28.77
CA ALA B 325 9.26 9.25 -30.05
C ALA B 325 10.37 10.28 -29.92
N LYS B 326 10.11 11.39 -29.22
CA LYS B 326 11.11 12.44 -28.96
C LYS B 326 12.21 11.96 -28.03
N THR B 327 11.87 11.05 -27.07
CA THR B 327 12.84 10.49 -26.13
C THR B 327 13.77 9.56 -26.90
N LEU B 328 13.19 8.67 -27.71
CA LEU B 328 13.96 7.74 -28.53
C LEU B 328 14.92 8.48 -29.49
N GLN B 329 14.48 9.64 -30.04
CA GLN B 329 15.26 10.50 -30.93
C GLN B 329 16.49 11.00 -30.21
N ARG B 330 16.33 11.57 -28.98
CA ARG B 330 17.41 12.06 -28.12
C ARG B 330 18.33 10.91 -27.76
N ALA B 331 17.76 9.73 -27.44
CA ALA B 331 18.52 8.52 -27.10
C ALA B 331 19.41 8.06 -28.28
N MET B 332 18.85 8.05 -29.52
CA MET B 332 19.53 7.72 -30.78
C MET B 332 20.66 8.70 -31.06
N GLU B 333 20.47 10.00 -30.74
CA GLU B 333 21.50 11.03 -30.89
C GLU B 333 22.65 10.77 -29.90
N THR B 334 22.33 10.45 -28.63
CA THR B 334 23.30 10.20 -27.55
C THR B 334 24.20 9.00 -27.89
N LEU B 335 23.63 7.96 -28.52
CA LEU B 335 24.38 6.78 -28.95
C LEU B 335 25.24 7.12 -30.16
N HIS B 336 24.75 8.01 -31.05
CA HIS B 336 25.48 8.47 -32.24
C HIS B 336 26.59 9.47 -31.88
N ALA B 337 26.45 10.22 -30.77
CA ALA B 337 27.44 11.16 -30.24
C ALA B 337 28.71 10.40 -29.78
N SER B 338 28.60 9.07 -29.58
CA SER B 338 29.68 8.18 -29.23
C SER B 338 30.06 7.34 -30.44
N ILE B 344 21.07 0.12 -30.50
CA ILE B 344 19.77 -0.07 -29.85
C ILE B 344 19.38 -1.54 -29.88
N GLN B 345 19.62 -2.22 -31.01
CA GLN B 345 19.32 -3.65 -31.24
C GLN B 345 19.79 -4.56 -30.10
N ASP B 346 21.05 -4.38 -29.65
CA ASP B 346 21.70 -5.17 -28.61
C ASP B 346 21.08 -4.98 -27.22
N PHE B 347 20.23 -3.92 -27.04
CA PHE B 347 19.56 -3.69 -25.75
C PHE B 347 18.63 -4.82 -25.43
N ASN B 348 18.90 -5.38 -24.28
CA ASN B 348 18.11 -6.36 -23.59
C ASN B 348 17.95 -5.65 -22.28
N TYR B 349 17.02 -6.11 -21.46
CA TYR B 349 16.71 -5.53 -20.15
C TYR B 349 17.90 -5.44 -19.18
N THR B 350 19.05 -5.95 -19.64
CA THR B 350 20.39 -6.06 -19.08
C THR B 350 21.17 -4.73 -19.14
N ASP B 351 20.97 -3.97 -20.22
CA ASP B 351 21.68 -2.72 -20.44
C ASP B 351 21.21 -1.60 -19.50
N HIS B 352 21.98 -1.39 -18.42
CA HIS B 352 21.75 -0.32 -17.45
C HIS B 352 22.03 1.02 -18.13
N THR B 353 23.12 1.10 -18.94
CA THR B 353 23.51 2.38 -19.57
C THR B 353 22.41 2.90 -20.51
N LEU B 354 21.85 2.04 -21.38
CA LEU B 354 20.77 2.49 -22.27
C LEU B 354 19.50 2.94 -21.51
N GLY B 355 19.11 2.21 -20.47
CA GLY B 355 17.99 2.62 -19.63
C GLY B 355 18.23 3.99 -19.02
N ARG B 356 19.49 4.29 -18.64
CA ARG B 356 19.89 5.57 -18.06
C ARG B 356 19.85 6.69 -19.11
N ILE B 357 20.27 6.40 -20.36
CA ILE B 357 20.23 7.31 -21.52
C ILE B 357 18.75 7.67 -21.78
N ILE B 358 17.87 6.67 -21.94
CA ILE B 358 16.42 6.83 -22.10
C ILE B 358 15.86 7.66 -20.94
N LEU B 359 16.23 7.34 -19.67
CA LEU B 359 15.79 8.04 -18.47
C LEU B 359 16.18 9.52 -18.49
N ASN B 360 17.44 9.84 -18.90
CA ASN B 360 17.93 11.22 -19.01
C ASN B 360 17.27 11.96 -20.17
N ALA B 361 17.04 11.27 -21.31
CA ALA B 361 16.37 11.81 -22.49
C ALA B 361 14.92 12.24 -22.15
N MET B 362 14.16 11.37 -21.42
CA MET B 362 12.78 11.67 -21.04
C MET B 362 12.68 12.85 -20.08
N ASN B 363 13.68 13.01 -19.23
CA ASN B 363 13.75 14.11 -18.30
C ASN B 363 13.94 15.48 -19.00
N GLU B 364 14.40 15.49 -20.27
CA GLU B 364 14.63 16.67 -21.09
C GLU B 364 13.37 17.10 -21.85
N THR B 365 12.28 16.27 -21.81
CA THR B 365 11.05 16.50 -22.57
C THR B 365 10.54 17.90 -22.36
N ASN B 366 10.29 18.63 -23.48
CA ASN B 366 9.83 20.01 -23.47
C ASN B 366 9.28 20.42 -24.85
N PHE B 367 7.99 20.20 -25.03
CA PHE B 367 7.32 20.56 -26.27
C PHE B 367 5.89 20.95 -25.98
N PHE B 368 5.21 21.62 -26.94
CA PHE B 368 3.83 22.01 -26.80
C PHE B 368 2.97 20.93 -27.44
N GLY B 369 2.25 20.18 -26.59
CA GLY B 369 1.39 19.08 -27.00
C GLY B 369 -0.06 19.49 -27.00
N VAL B 370 -0.97 18.55 -27.28
CA VAL B 370 -2.41 18.80 -27.31
C VAL B 370 -2.96 19.10 -25.91
N THR B 371 -2.23 18.70 -24.85
CA THR B 371 -2.64 18.90 -23.45
C THR B 371 -1.92 20.11 -22.86
N GLY B 372 -1.28 20.86 -23.74
CA GLY B 372 -0.50 22.05 -23.38
C GLY B 372 0.97 21.73 -23.45
N GLN B 373 1.80 22.47 -22.72
CA GLN B 373 3.25 22.26 -22.73
C GLN B 373 3.57 20.99 -21.95
N VAL B 374 4.19 20.03 -22.62
CA VAL B 374 4.56 18.75 -22.00
C VAL B 374 5.99 18.83 -21.44
N VAL B 375 6.11 18.91 -20.09
CA VAL B 375 7.36 19.03 -19.32
C VAL B 375 7.15 18.22 -18.05
N PHE B 376 8.25 17.61 -17.54
CA PHE B 376 8.22 16.87 -16.28
C PHE B 376 9.05 17.53 -15.20
N ARG B 377 8.63 17.37 -13.96
CA ARG B 377 9.38 17.86 -12.83
C ARG B 377 9.46 16.66 -11.94
N ASN B 378 10.60 15.97 -12.00
CA ASN B 378 10.84 14.75 -11.22
C ASN B 378 9.81 13.63 -11.56
N GLY B 379 9.59 13.44 -12.86
CA GLY B 379 8.69 12.42 -13.40
C GLY B 379 7.22 12.75 -13.35
N GLU B 380 6.91 13.86 -12.72
CA GLU B 380 5.55 14.40 -12.54
C GLU B 380 5.24 15.39 -13.65
N ARG B 381 4.01 15.37 -14.19
CA ARG B 381 3.59 16.35 -15.19
C ARG B 381 3.31 17.77 -14.60
N MET B 382 3.93 18.79 -15.18
CA MET B 382 3.60 20.18 -14.89
C MET B 382 2.63 20.49 -16.05
N GLY B 383 1.35 20.55 -15.71
CA GLY B 383 0.30 20.72 -16.71
C GLY B 383 -0.74 21.75 -16.40
N THR B 384 -1.98 21.46 -16.81
CA THR B 384 -3.06 22.43 -16.64
C THR B 384 -4.19 21.85 -15.84
N ILE B 385 -4.63 22.62 -14.86
CA ILE B 385 -5.76 22.35 -13.99
C ILE B 385 -6.94 23.23 -14.40
N LYS B 386 -8.09 22.60 -14.54
CA LYS B 386 -9.32 23.24 -14.95
C LYS B 386 -10.19 23.54 -13.75
N PHE B 387 -10.76 24.74 -13.74
CA PHE B 387 -11.74 25.14 -12.74
C PHE B 387 -13.10 25.21 -13.42
N THR B 388 -14.12 24.73 -12.70
CA THR B 388 -15.49 24.74 -13.18
C THR B 388 -16.36 25.32 -12.08
N GLN B 389 -17.57 25.75 -12.45
CA GLN B 389 -18.54 26.22 -11.49
C GLN B 389 -19.91 25.73 -11.87
N PHE B 390 -20.62 25.17 -10.87
CA PHE B 390 -21.97 24.67 -11.05
C PHE B 390 -22.89 25.85 -11.17
N GLN B 391 -23.47 26.01 -12.35
CA GLN B 391 -24.35 27.13 -12.67
C GLN B 391 -25.69 26.61 -13.18
N ASP B 392 -26.70 26.61 -12.27
CA ASP B 392 -28.10 26.21 -12.45
C ASP B 392 -28.31 24.72 -12.81
N SER B 393 -27.76 24.27 -13.95
CA SER B 393 -27.99 22.90 -14.42
C SER B 393 -26.75 22.08 -14.67
N ARG B 394 -25.59 22.74 -14.80
CA ARG B 394 -24.33 22.04 -15.06
C ARG B 394 -23.07 22.82 -14.64
N GLU B 395 -21.90 22.15 -14.68
CA GLU B 395 -20.58 22.73 -14.45
C GLU B 395 -20.18 23.43 -15.73
N VAL B 396 -19.69 24.65 -15.59
CA VAL B 396 -19.25 25.52 -16.67
C VAL B 396 -17.78 25.86 -16.39
N LYS B 397 -16.90 25.88 -17.42
CA LYS B 397 -15.51 26.25 -17.20
C LYS B 397 -15.39 27.72 -16.75
N VAL B 398 -14.65 27.97 -15.64
CA VAL B 398 -14.48 29.33 -15.11
C VAL B 398 -13.02 29.78 -15.08
N GLY B 399 -12.10 28.86 -15.36
CA GLY B 399 -10.70 29.23 -15.33
C GLY B 399 -9.71 28.11 -15.47
N GLU B 400 -8.43 28.46 -15.59
CA GLU B 400 -7.41 27.45 -15.72
C GLU B 400 -6.14 27.88 -15.01
N TYR B 401 -5.46 26.89 -14.42
CA TYR B 401 -4.20 27.08 -13.73
C TYR B 401 -3.11 26.39 -14.54
N ASN B 402 -2.05 27.15 -14.86
CA ASN B 402 -0.88 26.71 -15.60
C ASN B 402 0.18 26.40 -14.54
N ALA B 403 0.48 25.10 -14.31
CA ALA B 403 1.44 24.68 -13.28
C ALA B 403 2.90 25.09 -13.53
N VAL B 404 3.33 25.14 -14.82
CA VAL B 404 4.70 25.53 -15.26
C VAL B 404 4.99 26.98 -14.80
N ALA B 405 4.09 27.91 -15.16
CA ALA B 405 4.18 29.34 -14.84
C ALA B 405 3.72 29.65 -13.44
N ASP B 406 2.98 28.70 -12.78
CA ASP B 406 2.32 28.89 -11.47
C ASP B 406 1.36 30.10 -11.55
N THR B 407 0.59 30.18 -12.64
CA THR B 407 -0.37 31.25 -12.86
C THR B 407 -1.82 30.77 -13.04
N LEU B 408 -2.76 31.63 -12.64
CA LEU B 408 -4.19 31.42 -12.75
C LEU B 408 -4.82 32.47 -13.68
N GLU B 409 -5.73 32.00 -14.55
CA GLU B 409 -6.51 32.82 -15.45
C GLU B 409 -8.00 32.49 -15.21
N ILE B 410 -8.76 33.46 -14.72
CA ILE B 410 -10.20 33.32 -14.48
C ILE B 410 -10.92 33.90 -15.70
N ILE B 411 -11.92 33.18 -16.21
CA ILE B 411 -12.72 33.63 -17.35
C ILE B 411 -13.63 34.76 -16.85
N ASN B 412 -13.37 35.97 -17.39
CA ASN B 412 -13.93 37.29 -17.07
C ASN B 412 -15.43 37.32 -16.70
N ASP B 413 -16.33 36.93 -17.62
CA ASP B 413 -17.76 36.99 -17.31
C ASP B 413 -18.44 35.61 -17.32
N THR B 414 -17.92 34.68 -16.49
CA THR B 414 -18.48 33.34 -16.35
C THR B 414 -18.72 33.05 -14.86
N ILE B 415 -17.64 33.10 -14.05
CA ILE B 415 -17.69 32.89 -12.60
C ILE B 415 -18.62 33.91 -11.93
N ARG B 416 -19.50 33.44 -11.05
CA ARG B 416 -20.46 34.31 -10.40
C ARG B 416 -20.68 33.98 -8.93
N PHE B 417 -21.13 34.99 -8.20
CA PHE B 417 -21.45 34.92 -6.78
C PHE B 417 -22.85 35.45 -6.56
N GLN B 418 -23.55 34.92 -5.55
CA GLN B 418 -24.92 35.29 -5.19
C GLN B 418 -25.01 36.69 -4.53
N GLY B 419 -23.91 37.15 -3.92
CA GLY B 419 -23.84 38.47 -3.29
C GLY B 419 -23.20 39.51 -4.20
N SER B 420 -23.05 40.75 -3.68
CA SER B 420 -22.43 41.89 -4.39
C SER B 420 -20.91 41.70 -4.60
N GLU B 421 -20.27 40.95 -3.70
CA GLU B 421 -18.84 40.64 -3.70
C GLU B 421 -18.68 39.11 -3.55
N PRO B 422 -17.51 38.50 -3.88
CA PRO B 422 -17.32 37.08 -3.56
C PRO B 422 -17.36 36.91 -2.03
N PRO B 423 -17.69 35.73 -1.45
CA PRO B 423 -17.76 35.62 0.02
C PRO B 423 -16.50 36.00 0.78
N LYS B 424 -16.67 36.39 2.05
CA LYS B 424 -15.58 36.66 2.97
C LYS B 424 -15.28 35.34 3.66
N ASP B 425 -14.03 35.13 4.10
CA ASP B 425 -13.59 33.87 4.71
C ASP B 425 -13.95 33.71 6.21
N ASP B 426 -14.55 34.75 6.85
CA ASP B 426 -14.94 34.71 8.27
C ASP B 426 -16.20 35.53 8.52
C1 NAG C . 16.00 -39.53 19.08
C2 NAG C . 16.31 -40.92 18.55
C3 NAG C . 16.67 -41.66 19.82
C4 NAG C . 18.02 -41.18 20.32
C5 NAG C . 18.10 -39.67 20.54
C6 NAG C . 19.34 -39.03 19.94
C7 NAG C . 15.12 -41.91 16.62
C8 NAG C . 16.44 -41.99 15.89
N2 NAG C . 15.17 -41.55 17.92
O3 NAG C . 16.73 -43.05 19.54
O4 NAG C . 18.31 -41.89 21.53
O5 NAG C . 16.99 -38.95 19.95
O6 NAG C . 20.54 -39.44 20.63
O7 NAG C . 14.06 -42.16 16.05
C1 NAG C . 19.48 -42.74 21.58
C2 NAG C . 19.69 -43.21 23.01
C3 NAG C . 20.92 -44.11 22.86
C4 NAG C . 20.58 -45.38 22.08
C5 NAG C . 19.80 -45.13 20.78
C6 NAG C . 18.51 -45.90 20.66
C7 NAG C . 19.11 -41.38 24.55
C8 NAG C . 19.59 -40.08 25.13
N2 NAG C . 20.00 -42.04 23.81
O3 NAG C . 21.38 -44.46 24.16
O4 NAG C . 21.80 -46.03 21.75
O5 NAG C . 19.48 -43.74 20.53
O6 NAG C . 18.71 -47.31 20.74
O7 NAG C . 17.97 -41.79 24.72
C1 MAN C . 22.22 -47.29 22.35
C2 MAN C . 22.69 -48.16 21.18
C3 MAN C . 22.56 -49.67 21.42
C4 MAN C . 22.51 -50.03 22.89
C5 MAN C . 21.46 -49.23 23.68
C6 MAN C . 21.76 -49.10 25.15
O2 MAN C . 24.05 -47.83 20.91
O3 MAN C . 23.78 -50.24 20.95
O4 MAN C . 22.18 -51.41 23.04
O5 MAN C . 21.18 -47.94 23.11
O6 MAN C . 22.04 -47.81 25.67
C1 MAN C . 23.94 -51.21 19.90
C2 MAN C . 23.10 -51.04 18.64
C3 MAN C . 23.84 -51.80 17.54
C4 MAN C . 24.71 -52.93 18.09
C5 MAN C . 24.15 -53.56 19.37
C6 MAN C . 25.10 -54.54 20.03
O2 MAN C . 22.92 -49.68 18.28
O3 MAN C . 24.68 -50.91 16.82
O4 MAN C . 24.86 -53.95 17.12
O5 MAN C . 23.82 -52.56 20.36
O6 MAN C . 25.08 -55.80 19.39
C1 MAN C . 22.45 -47.90 27.00
C2 MAN C . 21.24 -47.90 27.96
C3 MAN C . 20.75 -46.50 28.29
C4 MAN C . 21.90 -45.64 28.77
C5 MAN C . 22.98 -45.58 27.68
C6 MAN C . 24.19 -44.79 28.10
O2 MAN C . 21.59 -48.60 29.16
O3 MAN C . 19.73 -46.57 29.27
O4 MAN C . 21.43 -44.32 29.08
O5 MAN C . 23.43 -46.91 27.40
O6 MAN C . 25.27 -44.96 27.16
C1 FUC C . 21.65 -38.54 20.65
C2 FUC C . 22.89 -39.23 20.02
C3 FUC C . 23.27 -38.75 18.62
C4 FUC C . 23.21 -37.24 18.49
C5 FUC C . 21.78 -36.78 18.77
C6 FUC C . 21.59 -35.29 18.74
O2 FUC C . 22.74 -40.66 20.02
O3 FUC C . 24.59 -39.20 18.30
O4 FUC C . 24.14 -36.60 19.36
O5 FUC C . 21.39 -37.23 20.09
C1 NAG D . 16.47 16.61 -15.46
C2 NAG D . 17.97 16.87 -15.53
C3 NAG D . 18.17 17.93 -14.45
C4 NAG D . 17.41 19.20 -14.83
C5 NAG D . 15.93 18.91 -15.04
C6 NAG D . 15.18 20.05 -15.69
C7 NAG D . 19.33 14.91 -16.24
C8 NAG D . 19.07 15.31 -17.66
N2 NAG D . 18.80 15.70 -15.27
O3 NAG D . 19.56 18.20 -14.30
O4 NAG D . 17.59 20.18 -13.82
O5 NAG D . 15.79 17.79 -15.92
O6 NAG D . 15.75 20.41 -16.94
O7 NAG D . 19.99 13.91 -15.97
C1 NAG D . 18.03 21.45 -14.26
C2 NAG D . 17.63 22.48 -13.22
C3 NAG D . 18.05 23.85 -13.76
C4 NAG D . 19.52 23.88 -14.20
C5 NAG D . 19.89 22.69 -15.09
C6 NAG D . 21.38 22.53 -15.27
C7 NAG D . 15.59 22.44 -11.82
C8 NAG D . 14.12 22.76 -11.82
N2 NAG D . 16.19 22.44 -13.02
O3 NAG D . 17.83 24.81 -12.74
O4 NAG D . 19.67 25.06 -14.98
O5 NAG D . 19.43 21.46 -14.50
O6 NAG D . 21.67 21.69 -16.40
O7 NAG D . 16.19 22.20 -10.78
C1 MAN D . 20.62 26.05 -14.63
C2 MAN D . 20.09 26.86 -13.42
C3 MAN D . 19.65 28.28 -13.78
C4 MAN D . 20.69 29.05 -14.60
C5 MAN D . 21.52 28.15 -15.51
C6 MAN D . 22.92 27.83 -15.01
O2 MAN D . 21.03 26.86 -12.34
O3 MAN D . 19.34 29.00 -12.59
O4 MAN D . 20.00 30.00 -15.40
O5 MAN D . 20.84 26.91 -15.76
O6 MAN D . 23.61 28.97 -14.55
C1 FUC D . 15.30 21.62 -17.52
C2 FUC D . 16.26 22.02 -18.66
C3 FUC D . 16.11 21.06 -19.85
C4 FUC D . 14.65 20.99 -20.32
C5 FUC D . 13.76 20.58 -19.14
C6 FUC D . 12.29 20.60 -19.47
O2 FUC D . 17.61 22.03 -18.20
O3 FUC D . 16.97 21.45 -20.91
O4 FUC D . 14.23 22.22 -20.90
O5 FUC D . 13.96 21.48 -18.04
O1 2BV E . 5.69 -9.29 8.72
P 2BV E . 7.01 -8.66 8.66
O2 2BV E . 7.38 -8.55 7.12
C12 2BV E . 7.01 -7.02 9.45
C13 2BV E . 8.43 -6.41 9.60
C18 2BV E . 8.74 -5.39 8.50
C17 2BV E . 9.20 -3.98 8.95
C16 2BV E . 10.13 -3.94 10.17
C15 2BV E . 9.87 -5.03 11.23
C14 2BV E . 8.60 -5.85 11.02
C11 2BV E . 8.24 -9.74 9.45
C10 2BV E . 7.82 -10.15 10.86
O3 2BV E . 6.58 -10.89 10.89
C9 2BV E . 8.91 -11.04 11.46
N 2BV E . 8.56 -11.50 12.81
C2 2BV E . 8.05 -10.59 13.86
C1 2BV E . 7.72 -11.30 15.17
C3 2BV E . 8.88 -9.38 14.09
C8 2BV E . 8.21 -8.16 14.25
C7 2BV E . 8.90 -6.97 14.46
C6 2BV E . 10.29 -7.00 14.56
CL1 2BV E . 11.28 -5.53 14.86
C5 2BV E . 10.99 -8.30 14.40
CL2 2BV E . 12.76 -8.28 14.48
C4 2BV E . 10.28 -9.47 14.17
C1 NAG F . 4.61 -40.45 4.97
C2 NAG F . 4.47 -40.72 6.46
C3 NAG F . 4.54 -42.25 6.61
C4 NAG F . 3.46 -42.93 5.77
C5 NAG F . 3.62 -42.54 4.30
C6 NAG F . 2.55 -43.07 3.38
C7 NAG F . 5.31 -39.45 8.39
C8 NAG F . 6.51 -39.22 9.24
N2 NAG F . 5.52 -40.09 7.23
O3 NAG F . 4.39 -42.61 7.98
O4 NAG F . 3.60 -44.34 5.91
O5 NAG F . 3.59 -41.11 4.19
O6 NAG F . 1.36 -43.44 4.05
O7 NAG F . 4.19 -39.10 8.74
#